data_4ZK4
#
_entry.id   4ZK4
#
_cell.length_a   70.662
_cell.length_b   78.205
_cell.length_c   120.465
_cell.angle_alpha   90.000
_cell.angle_beta   94.970
_cell.angle_gamma   90.000
#
_symmetry.space_group_name_H-M   'P 1 21 1'
#
loop_
_entity.id
_entity.type
_entity.pdbx_description
1 polymer 'soluble acetylcholine receptor, neuronal acetylcholine receptor subunit alpha-3 chimera'
2 non-polymer 'MAGNESIUM ION'
3 non-polymer 'SULFATE ION'
4 non-polymer 'TETRAETHYLENE GLYCOL'
5 non-polymer (5R)-1-methyl-7-[5-(propan-2-yloxy)pyridin-3-yl]-1,7-diazaspiro[4.4]nonane
6 water water
#
_entity_poly.entity_id   1
_entity_poly.type   'polypeptide(L)'
_entity_poly.pdbx_seq_one_letter_code
;YKDDDDKLHSQANLMRLKSDLFNRSPMYPGPTKDDPLTVTLGFTLQDIVKADSSTNEVDLVYWEQQRWKLNSLMWDPNEY
GNITDFRTSAADIWTPDITAYSSTRPVQVLSPQIAVVTHDGSVMFIPAQRLSFMCDPTGVDSEEGATCAVKFGSWVYSGF
EIDLKTDTDQVDLSSYYASSKYEILSATQYKHDIKYNCCEEIYPDVVLVVKFRERRAGNGFFRNLFDSR
;
_entity_poly.pdbx_strand_id   A,B,C,D,E
#
loop_
_chem_comp.id
_chem_comp.type
_chem_comp.name
_chem_comp.formula
MG non-polymer 'MAGNESIUM ION' 'Mg 2'
PG4 non-polymer 'TETRAETHYLENE GLYCOL' 'C8 H18 O5'
SO4 non-polymer 'SULFATE ION' 'O4 S -2'
TII non-polymer (5R)-1-methyl-7-[5-(propan-2-yloxy)pyridin-3-yl]-1,7-diazaspiro[4.4]nonane 'C16 H25 N3 O'
#
# COMPACT_ATOMS: atom_id res chain seq x y z
N ASP A 4 25.83 1.20 33.70
CA ASP A 4 25.10 2.12 32.83
C ASP A 4 26.06 2.86 31.88
N ASP A 5 27.27 3.14 32.34
CA ASP A 5 28.33 3.65 31.47
C ASP A 5 28.72 2.53 30.49
N ASP A 6 28.70 1.29 30.97
CA ASP A 6 28.94 0.13 30.12
C ASP A 6 27.86 0.02 29.04
N LYS A 7 26.64 0.45 29.37
CA LYS A 7 25.57 0.49 28.38
C LYS A 7 25.93 1.53 27.31
N LEU A 8 26.38 2.70 27.76
CA LEU A 8 26.79 3.76 26.86
C LEU A 8 27.88 3.29 25.89
N HIS A 9 28.89 2.58 26.38
CA HIS A 9 29.98 2.12 25.53
C HIS A 9 29.53 1.08 24.53
N SER A 10 28.65 0.19 24.97
CA SER A 10 28.13 -0.83 24.07
C SER A 10 27.40 -0.18 22.88
N GLN A 11 26.61 0.85 23.18
CA GLN A 11 25.84 1.56 22.17
C GLN A 11 26.76 2.27 21.20
N ALA A 12 27.82 2.85 21.73
CA ALA A 12 28.84 3.50 20.93
C ALA A 12 29.54 2.54 20.00
N ASN A 13 29.91 1.37 20.53
CA ASN A 13 30.56 0.34 19.72
C ASN A 13 29.66 -0.23 18.62
N LEU A 14 28.35 -0.33 18.88
CA LEU A 14 27.41 -0.79 17.85
C LEU A 14 27.27 0.24 16.72
N MET A 15 27.15 1.51 17.08
CA MET A 15 27.06 2.57 16.09
C MET A 15 28.29 2.55 15.18
N ARG A 16 29.46 2.30 15.77
CA ARG A 16 30.70 2.32 15.02
C ARG A 16 30.81 1.10 14.13
N LEU A 17 30.37 -0.04 14.65
CA LEU A 17 30.33 -1.28 13.86
C LEU A 17 29.43 -1.13 12.63
N LYS A 18 28.24 -0.56 12.83
CA LYS A 18 27.30 -0.41 11.72
C LYS A 18 27.84 0.57 10.68
N SER A 19 28.41 1.68 11.14
CA SER A 19 29.07 2.61 10.22
C SER A 19 30.18 1.88 9.47
N ASP A 20 31.04 1.17 10.18
CA ASP A 20 32.16 0.46 9.57
C ASP A 20 31.68 -0.55 8.52
N LEU A 21 30.56 -1.23 8.79
CA LEU A 21 30.05 -2.24 7.85
C LEU A 21 29.27 -1.65 6.68
N PHE A 22 28.49 -0.59 6.93
CA PHE A 22 27.47 -0.10 5.98
C PHE A 22 27.75 1.27 5.33
N ASN A 23 28.81 1.96 5.74
CA ASN A 23 29.13 3.28 5.18
C ASN A 23 30.61 3.37 4.78
N TYR A 28 26.92 -5.22 -1.41
CA TYR A 28 27.08 -6.57 -1.96
C TYR A 28 26.19 -6.68 -3.18
N PRO A 29 26.75 -7.07 -4.35
CA PRO A 29 25.94 -7.04 -5.57
C PRO A 29 25.18 -8.32 -5.84
N GLY A 30 25.18 -9.23 -4.86
CA GLY A 30 24.51 -10.48 -5.06
C GLY A 30 25.52 -11.51 -5.54
N PRO A 31 25.12 -12.76 -5.58
CA PRO A 31 26.04 -13.83 -6.00
C PRO A 31 26.21 -13.92 -7.51
N THR A 32 27.21 -14.66 -7.92
CA THR A 32 27.51 -14.92 -9.33
C THR A 32 28.06 -16.34 -9.44
N LYS A 33 28.23 -16.81 -10.67
CA LYS A 33 28.90 -18.08 -10.93
C LYS A 33 30.28 -18.13 -10.23
N ASP A 34 31.02 -17.02 -10.26
CA ASP A 34 32.34 -16.91 -9.62
C ASP A 34 32.30 -16.76 -8.11
N ASP A 35 31.15 -16.34 -7.57
CA ASP A 35 31.02 -16.09 -6.14
C ASP A 35 29.65 -16.58 -5.67
N PRO A 36 29.46 -17.90 -5.67
CA PRO A 36 28.15 -18.48 -5.33
C PRO A 36 27.84 -18.39 -3.83
N LEU A 37 26.55 -18.38 -3.51
CA LEU A 37 26.09 -18.19 -2.16
C LEU A 37 25.18 -19.32 -1.75
N THR A 38 25.41 -19.88 -0.57
CA THR A 38 24.52 -20.90 -0.06
C THR A 38 23.40 -20.22 0.74
N VAL A 39 22.17 -20.57 0.42
CA VAL A 39 21.02 -20.05 1.17
C VAL A 39 20.28 -21.25 1.73
N THR A 40 20.15 -21.29 3.05
CA THR A 40 19.47 -22.36 3.72
C THR A 40 18.08 -21.89 4.15
N LEU A 41 17.11 -22.71 3.78
CA LEU A 41 15.69 -22.43 3.97
C LEU A 41 15.05 -23.44 4.87
N GLY A 42 14.10 -23.00 5.70
CA GLY A 42 13.27 -23.93 6.44
C GLY A 42 11.93 -23.28 6.74
N PHE A 43 10.90 -24.11 6.84
CA PHE A 43 9.53 -23.66 7.08
C PHE A 43 8.99 -24.15 8.43
N THR A 44 8.29 -23.24 9.10
CA THR A 44 7.47 -23.54 10.25
C THR A 44 6.04 -23.21 9.87
N LEU A 45 5.19 -24.23 9.77
CA LEU A 45 3.80 -24.02 9.36
C LEU A 45 2.92 -23.71 10.57
N GLN A 46 2.28 -22.56 10.57
CA GLN A 46 1.50 -22.13 11.73
C GLN A 46 0.00 -22.36 11.58
N ASP A 47 -0.53 -22.25 10.35
CA ASP A 47 -1.96 -22.40 10.14
C ASP A 47 -2.30 -22.60 8.69
N ILE A 48 -3.24 -23.49 8.44
CA ILE A 48 -3.95 -23.47 7.18
C ILE A 48 -5.26 -22.72 7.49
N VAL A 49 -5.42 -21.54 6.89
CA VAL A 49 -6.49 -20.64 7.29
C VAL A 49 -7.76 -20.95 6.52
N LYS A 50 -7.59 -21.12 5.20
CA LYS A 50 -8.70 -21.23 4.27
C LYS A 50 -8.37 -22.13 3.10
N ALA A 51 -9.29 -22.99 2.73
CA ALA A 51 -9.19 -23.82 1.54
C ALA A 51 -10.41 -23.55 0.66
N ASP A 52 -10.21 -22.93 -0.50
CA ASP A 52 -11.30 -22.41 -1.33
C ASP A 52 -11.49 -23.33 -2.55
N SER A 53 -12.54 -24.15 -2.55
CA SER A 53 -12.81 -25.08 -3.67
C SER A 53 -13.48 -24.42 -4.86
N SER A 54 -13.88 -23.15 -4.71
CA SER A 54 -14.47 -22.43 -5.85
C SER A 54 -13.39 -21.88 -6.79
N THR A 55 -12.17 -21.69 -6.27
CA THR A 55 -11.06 -21.16 -7.07
C THR A 55 -9.81 -22.03 -7.04
N ASN A 56 -9.86 -23.09 -6.23
CA ASN A 56 -8.70 -23.92 -5.97
C ASN A 56 -7.48 -23.06 -5.56
N GLU A 57 -7.66 -22.41 -4.42
CA GLU A 57 -6.63 -21.65 -3.73
C GLU A 57 -6.64 -22.06 -2.26
N VAL A 58 -5.47 -22.26 -1.65
CA VAL A 58 -5.39 -22.48 -0.22
C VAL A 58 -4.53 -21.40 0.38
N ASP A 59 -4.90 -20.94 1.57
CA ASP A 59 -4.16 -19.89 2.29
C ASP A 59 -3.42 -20.46 3.51
N LEU A 60 -2.09 -20.26 3.56
CA LEU A 60 -1.23 -20.73 4.66
C LEU A 60 -0.61 -19.57 5.39
N VAL A 61 -0.39 -19.72 6.68
CA VAL A 61 0.49 -18.86 7.47
C VAL A 61 1.69 -19.71 7.91
N TYR A 62 2.90 -19.22 7.63
CA TYR A 62 4.16 -19.92 7.95
C TYR A 62 5.25 -18.88 8.26
N TRP A 63 6.32 -19.35 8.91
CA TRP A 63 7.55 -18.58 9.13
C TRP A 63 8.59 -19.18 8.21
N GLU A 64 9.23 -18.36 7.40
CA GLU A 64 10.21 -18.85 6.43
C GLU A 64 11.62 -18.44 6.90
N GLN A 65 12.37 -19.37 7.46
CA GLN A 65 13.72 -19.07 7.91
C GLN A 65 14.70 -19.13 6.74
N GLN A 66 15.50 -18.07 6.59
CA GLN A 66 16.50 -17.93 5.56
C GLN A 66 17.81 -17.60 6.23
N ARG A 67 18.89 -18.25 5.82
CA ARG A 67 20.19 -18.01 6.40
C ARG A 67 21.22 -18.07 5.29
N TRP A 68 22.15 -17.13 5.34
CA TRP A 68 23.28 -17.10 4.45
C TRP A 68 24.42 -16.40 5.19
N LYS A 69 25.60 -16.41 4.58
CA LYS A 69 26.82 -15.88 5.19
C LYS A 69 27.59 -15.06 4.15
N LEU A 70 28.01 -13.86 4.53
CA LEU A 70 28.80 -13.00 3.66
C LEU A 70 30.11 -12.59 4.34
N ASN A 71 31.20 -12.62 3.59
CA ASN A 71 32.49 -12.21 4.15
C ASN A 71 32.48 -10.73 4.50
N SER A 72 31.72 -9.94 3.75
CA SER A 72 31.64 -8.50 3.95
C SER A 72 30.89 -8.09 5.22
N LEU A 73 30.24 -9.04 5.87
CA LEU A 73 29.52 -8.76 7.11
C LEU A 73 30.26 -9.27 8.36
N MET A 74 31.49 -9.75 8.18
CA MET A 74 32.28 -10.27 9.29
C MET A 74 32.95 -9.17 10.10
N TRP A 75 33.11 -9.41 11.40
CA TRP A 75 33.94 -8.52 12.21
C TRP A 75 34.58 -9.30 13.35
N ASP A 76 35.52 -8.65 14.01
CA ASP A 76 36.15 -9.21 15.22
C ASP A 76 35.45 -8.63 16.45
N PRO A 77 34.74 -9.48 17.22
CA PRO A 77 34.07 -8.94 18.42
C PRO A 77 35.01 -8.14 19.35
N ASN A 78 36.30 -8.47 19.39
CA ASN A 78 37.25 -7.80 20.25
C ASN A 78 37.53 -6.35 19.84
N GLU A 79 37.34 -6.02 18.56
CA GLU A 79 37.54 -4.65 18.10
C GLU A 79 36.28 -3.79 18.27
N TYR A 80 35.23 -4.38 18.85
CA TYR A 80 33.94 -3.69 19.02
C TYR A 80 33.25 -4.07 20.34
N GLY A 81 34.04 -4.15 21.41
CA GLY A 81 33.49 -4.39 22.73
C GLY A 81 32.73 -5.69 22.92
N ASN A 82 33.17 -6.73 22.22
CA ASN A 82 32.59 -8.06 22.32
C ASN A 82 31.15 -8.14 21.78
N ILE A 83 30.76 -7.18 20.93
CA ILE A 83 29.49 -7.34 20.20
C ILE A 83 29.65 -8.57 19.30
N THR A 84 28.78 -9.54 19.48
CA THR A 84 28.80 -10.75 18.65
C THR A 84 27.69 -10.84 17.59
N ASP A 85 26.66 -10.01 17.72
CA ASP A 85 25.60 -9.97 16.73
C ASP A 85 24.82 -8.71 16.91
N PHE A 86 24.06 -8.34 15.88
CA PHE A 86 23.17 -7.19 15.97
C PHE A 86 21.98 -7.37 15.05
N ARG A 87 20.98 -6.52 15.28
CA ARG A 87 19.76 -6.47 14.49
C ARG A 87 19.77 -5.30 13.55
N THR A 88 19.30 -5.53 12.34
CA THR A 88 19.23 -4.47 11.38
C THR A 88 18.07 -4.66 10.39
N SER A 89 17.59 -3.55 9.86
CA SER A 89 16.52 -3.56 8.85
C SER A 89 16.94 -4.41 7.67
N ALA A 90 16.08 -5.31 7.23
CA ALA A 90 16.37 -6.11 6.05
C ALA A 90 16.60 -5.24 4.79
N ALA A 91 16.18 -3.98 4.83
CA ALA A 91 16.51 -3.03 3.76
C ALA A 91 17.97 -2.58 3.82
N ASP A 92 18.61 -2.71 4.97
CA ASP A 92 20.02 -2.31 5.12
C ASP A 92 20.99 -3.27 4.45
N ILE A 93 20.48 -4.44 4.02
CA ILE A 93 21.35 -5.50 3.53
C ILE A 93 20.78 -6.18 2.30
N TRP A 94 21.64 -6.92 1.61
CA TRP A 94 21.18 -7.76 0.52
C TRP A 94 20.35 -8.89 1.09
N THR A 95 19.24 -9.24 0.41
CA THR A 95 18.49 -10.46 0.79
C THR A 95 18.17 -11.29 -0.45
N PRO A 96 18.03 -12.61 -0.27
CA PRO A 96 17.80 -13.43 -1.45
C PRO A 96 16.38 -13.30 -2.01
N ASP A 97 16.24 -13.56 -3.31
CA ASP A 97 14.97 -13.42 -4.03
C ASP A 97 14.12 -14.72 -4.04
N ILE A 98 14.02 -15.36 -2.89
CA ILE A 98 13.30 -16.62 -2.72
C ILE A 98 11.81 -16.34 -2.82
N THR A 99 11.14 -17.09 -3.68
CA THR A 99 9.77 -16.81 -4.08
C THR A 99 8.96 -18.09 -4.16
N ALA A 100 7.69 -18.05 -3.78
CA ALA A 100 6.79 -19.14 -4.12
C ALA A 100 6.51 -19.13 -5.61
N TYR A 101 6.57 -20.28 -6.27
CA TYR A 101 6.41 -20.31 -7.73
C TYR A 101 4.97 -20.45 -8.23
N SER A 102 4.02 -20.57 -7.33
CA SER A 102 2.59 -20.74 -7.70
C SER A 102 1.66 -19.97 -6.77
N SER A 103 2.12 -18.87 -6.21
CA SER A 103 1.22 -17.99 -5.48
C SER A 103 0.17 -17.42 -6.41
N THR A 104 -0.97 -17.04 -5.83
CA THR A 104 -2.05 -16.43 -6.60
C THR A 104 -2.36 -15.00 -6.17
N ARG A 105 -1.75 -14.56 -5.09
CA ARG A 105 -1.85 -13.21 -4.55
C ARG A 105 -0.47 -12.82 -4.04
N PRO A 106 -0.14 -11.52 -4.04
CA PRO A 106 1.15 -11.11 -3.44
C PRO A 106 1.23 -11.61 -2.00
N VAL A 107 2.37 -12.15 -1.62
CA VAL A 107 2.47 -12.66 -0.25
C VAL A 107 2.34 -11.47 0.72
N GLN A 108 1.69 -11.70 1.85
CA GLN A 108 1.51 -10.68 2.87
C GLN A 108 2.45 -10.93 4.01
N VAL A 109 3.25 -9.95 4.33
CA VAL A 109 4.25 -10.11 5.36
C VAL A 109 3.65 -9.73 6.71
N LEU A 110 3.83 -10.61 7.70
CA LEU A 110 3.17 -10.46 8.99
C LEU A 110 4.12 -10.03 10.10
N SER A 111 5.41 -9.98 9.82
CA SER A 111 6.39 -9.68 10.87
C SER A 111 7.25 -8.51 10.44
N PRO A 112 7.93 -7.88 11.39
CA PRO A 112 8.91 -6.81 11.07
C PRO A 112 10.00 -7.31 10.11
N GLN A 113 10.44 -6.50 9.16
CA GLN A 113 11.49 -6.98 8.26
C GLN A 113 12.88 -6.54 8.81
N ILE A 114 13.37 -7.39 9.70
CA ILE A 114 14.58 -7.15 10.49
C ILE A 114 15.35 -8.47 10.48
N ALA A 115 16.64 -8.40 10.23
CA ALA A 115 17.50 -9.58 10.20
C ALA A 115 18.49 -9.52 11.36
N VAL A 116 19.03 -10.69 11.70
CA VAL A 116 20.08 -10.76 12.70
C VAL A 116 21.40 -11.11 12.02
N VAL A 117 22.40 -10.25 12.24
CA VAL A 117 23.72 -10.42 11.66
C VAL A 117 24.69 -10.85 12.77
N THR A 118 25.47 -11.89 12.52
CA THR A 118 26.43 -12.39 13.49
C THR A 118 27.86 -12.13 13.00
N HIS A 119 28.80 -12.09 13.94
CA HIS A 119 30.17 -11.64 13.63
C HIS A 119 30.90 -12.50 12.61
N ASP A 120 30.47 -13.74 12.43
CA ASP A 120 31.03 -14.59 11.36
C ASP A 120 30.45 -14.29 9.99
N GLY A 121 29.66 -13.23 9.90
CA GLY A 121 29.06 -12.82 8.63
C GLY A 121 27.75 -13.53 8.28
N SER A 122 27.22 -14.36 9.17
CA SER A 122 25.98 -15.06 8.87
C SER A 122 24.78 -14.17 9.22
N VAL A 123 23.75 -14.32 8.41
CA VAL A 123 22.55 -13.51 8.48
C VAL A 123 21.39 -14.47 8.63
N MET A 124 20.54 -14.18 9.60
CA MET A 124 19.31 -14.93 9.81
C MET A 124 18.12 -13.99 9.61
N PHE A 125 17.17 -14.38 8.76
CA PHE A 125 15.99 -13.57 8.45
C PHE A 125 14.78 -14.49 8.40
N ILE A 126 13.76 -14.22 9.20
CA ILE A 126 12.66 -15.17 9.35
C ILE A 126 11.32 -14.42 9.22
N PRO A 127 10.96 -14.08 8.00
CA PRO A 127 9.65 -13.46 7.78
C PRO A 127 8.47 -14.40 7.99
N ALA A 128 7.49 -13.98 8.79
CA ALA A 128 6.18 -14.63 8.81
C ALA A 128 5.34 -14.08 7.63
N GLN A 129 4.64 -14.99 6.99
CA GLN A 129 3.94 -14.74 5.73
C GLN A 129 2.58 -15.43 5.68
N ARG A 130 1.62 -14.73 5.10
CA ARG A 130 0.36 -15.34 4.66
C ARG A 130 0.40 -15.46 3.14
N LEU A 131 0.24 -16.68 2.66
CA LEU A 131 0.33 -17.00 1.24
C LEU A 131 -0.92 -17.67 0.70
N SER A 132 -1.42 -17.20 -0.44
CA SER A 132 -2.45 -17.89 -1.20
C SER A 132 -1.75 -18.57 -2.35
N PHE A 133 -2.00 -19.87 -2.56
CA PHE A 133 -1.36 -20.57 -3.65
C PHE A 133 -2.29 -21.58 -4.27
N MET A 134 -1.89 -22.02 -5.44
CA MET A 134 -2.71 -22.91 -6.26
C MET A 134 -2.83 -24.27 -5.62
N CYS A 135 -4.05 -24.72 -5.40
CA CYS A 135 -4.29 -25.93 -4.62
C CYS A 135 -5.74 -26.40 -4.76
N ASP A 136 -5.90 -27.61 -5.27
CA ASP A 136 -7.22 -28.27 -5.36
C ASP A 136 -7.47 -29.00 -4.03
N PRO A 137 -8.43 -28.52 -3.23
CA PRO A 137 -8.62 -29.18 -1.93
C PRO A 137 -9.57 -30.37 -1.94
N THR A 138 -9.76 -30.99 -3.09
CA THR A 138 -10.60 -32.18 -3.20
C THR A 138 -10.11 -33.24 -2.22
N GLY A 139 -11.04 -33.76 -1.42
CA GLY A 139 -10.69 -34.79 -0.45
C GLY A 139 -10.42 -34.24 0.94
N VAL A 140 -10.45 -32.91 1.10
CA VAL A 140 -10.16 -32.31 2.40
C VAL A 140 -11.24 -32.71 3.43
N ASP A 141 -12.43 -33.03 2.94
CA ASP A 141 -13.55 -33.50 3.78
C ASP A 141 -13.65 -35.03 3.86
N SER A 142 -12.50 -35.71 3.75
CA SER A 142 -12.44 -37.16 3.77
C SER A 142 -11.35 -37.58 4.72
N GLU A 143 -11.31 -38.87 5.08
CA GLU A 143 -10.32 -39.35 6.03
C GLU A 143 -8.91 -39.25 5.45
N GLU A 144 -8.77 -39.47 4.14
CA GLU A 144 -7.47 -39.44 3.48
C GLU A 144 -6.94 -38.00 3.34
N GLY A 145 -7.82 -37.02 3.26
CA GLY A 145 -7.42 -35.61 3.20
C GLY A 145 -7.05 -35.15 1.81
N ALA A 146 -6.66 -33.88 1.70
CA ALA A 146 -6.15 -33.32 0.45
C ALA A 146 -4.65 -33.22 0.52
N THR A 147 -4.04 -32.96 -0.63
CA THR A 147 -2.60 -32.81 -0.72
C THR A 147 -2.36 -31.61 -1.61
N CYS A 148 -1.59 -30.65 -1.11
CA CYS A 148 -1.14 -29.57 -1.94
C CYS A 148 0.35 -29.31 -1.79
N ALA A 149 0.89 -28.62 -2.78
CA ALA A 149 2.32 -28.45 -2.90
C ALA A 149 2.60 -27.08 -3.47
N VAL A 150 3.65 -26.43 -2.98
CA VAL A 150 4.14 -25.18 -3.56
C VAL A 150 5.66 -25.18 -3.51
N LYS A 151 6.26 -24.80 -4.62
CA LYS A 151 7.72 -24.72 -4.75
C LYS A 151 8.23 -23.35 -4.39
N PHE A 152 9.38 -23.34 -3.73
CA PHE A 152 10.08 -22.13 -3.37
C PHE A 152 11.45 -22.16 -3.97
N GLY A 153 11.85 -21.07 -4.58
CA GLY A 153 13.18 -20.99 -5.10
C GLY A 153 13.53 -19.60 -5.53
N SER A 154 14.77 -19.42 -5.95
CA SER A 154 15.15 -18.11 -6.46
C SER A 154 14.37 -17.76 -7.73
N TRP A 155 14.02 -16.50 -7.92
CA TRP A 155 13.32 -16.13 -9.15
C TRP A 155 14.31 -16.05 -10.35
N VAL A 156 15.52 -15.53 -10.13
CA VAL A 156 16.46 -15.28 -11.23
C VAL A 156 17.83 -15.96 -11.15
N TYR A 157 18.13 -16.67 -10.06
CA TYR A 157 19.45 -17.31 -9.93
C TYR A 157 19.39 -18.84 -10.07
N SER A 158 20.35 -19.40 -10.79
CA SER A 158 20.50 -20.85 -10.85
C SER A 158 21.18 -21.39 -9.59
N GLY A 159 21.23 -22.71 -9.51
CA GLY A 159 21.92 -23.40 -8.45
C GLY A 159 23.43 -23.13 -8.43
N PHE A 160 23.96 -22.60 -9.52
CA PHE A 160 25.39 -22.26 -9.58
C PHE A 160 25.65 -20.88 -8.96
N GLU A 161 24.58 -20.15 -8.67
CA GLU A 161 24.70 -18.82 -8.05
C GLU A 161 24.14 -18.80 -6.62
N ILE A 162 22.92 -19.33 -6.45
CA ILE A 162 22.32 -19.54 -5.13
C ILE A 162 22.14 -21.04 -4.96
N ASP A 163 22.98 -21.60 -4.11
CA ASP A 163 22.94 -22.99 -3.75
C ASP A 163 21.96 -23.11 -2.60
N LEU A 164 20.76 -23.60 -2.93
CA LEU A 164 19.64 -23.64 -2.01
C LEU A 164 19.66 -24.96 -1.22
N LYS A 165 19.71 -24.84 0.11
CA LYS A 165 19.76 -25.99 1.01
C LYS A 165 18.71 -25.95 2.11
N THR A 166 18.55 -27.08 2.78
CA THR A 166 17.74 -27.17 4.00
C THR A 166 18.55 -27.82 5.10
N ASP A 167 18.06 -27.70 6.33
CA ASP A 167 18.63 -28.39 7.49
C ASP A 167 17.90 -29.67 7.81
N THR A 168 16.73 -29.83 7.23
CA THR A 168 15.84 -30.94 7.50
C THR A 168 14.79 -31.04 6.39
N ASP A 169 14.33 -32.27 6.13
CA ASP A 169 13.23 -32.54 5.20
C ASP A 169 11.85 -32.30 5.86
N GLN A 170 11.86 -32.12 7.18
CA GLN A 170 10.62 -32.03 7.95
C GLN A 170 10.22 -30.56 8.17
N VAL A 171 8.98 -30.22 7.82
CA VAL A 171 8.40 -28.90 8.17
C VAL A 171 8.16 -28.91 9.67
N ASP A 172 8.59 -27.85 10.36
CA ASP A 172 8.37 -27.71 11.79
C ASP A 172 6.89 -27.46 12.09
N LEU A 173 6.27 -28.40 12.78
CA LEU A 173 4.84 -28.31 13.12
C LEU A 173 4.63 -28.01 14.60
N SER A 174 5.69 -27.71 15.32
CA SER A 174 5.59 -27.54 16.78
C SER A 174 4.80 -26.28 17.17
N SER A 175 4.58 -25.36 16.23
CA SER A 175 3.74 -24.16 16.47
C SER A 175 2.43 -24.16 15.68
N TYR A 176 2.05 -25.29 15.08
CA TYR A 176 0.82 -25.34 14.32
C TYR A 176 -0.36 -25.10 15.26
N TYR A 177 -1.25 -24.23 14.84
CA TYR A 177 -2.38 -23.83 15.64
C TYR A 177 -3.31 -25.03 15.95
N ALA A 178 -3.47 -25.28 17.25
CA ALA A 178 -4.12 -26.51 17.67
C ALA A 178 -5.61 -26.51 17.41
N SER A 179 -6.23 -25.34 17.18
CA SER A 179 -7.66 -25.30 16.87
C SER A 179 -7.95 -24.77 15.46
N SER A 180 -7.01 -24.98 14.54
CA SER A 180 -7.22 -24.73 13.14
C SER A 180 -8.44 -25.49 12.61
N LYS A 181 -9.08 -24.94 11.60
CA LYS A 181 -10.15 -25.63 10.87
C LYS A 181 -9.58 -26.88 10.18
N TYR A 182 -8.27 -26.89 9.94
CA TYR A 182 -7.62 -28.00 9.23
C TYR A 182 -6.54 -28.65 10.07
N GLU A 183 -6.54 -29.96 10.11
CA GLU A 183 -5.49 -30.65 10.85
C GLU A 183 -4.45 -31.16 9.86
N ILE A 184 -3.18 -31.10 10.25
CA ILE A 184 -2.10 -31.52 9.38
C ILE A 184 -1.83 -33.00 9.54
N LEU A 185 -1.79 -33.72 8.41
CA LEU A 185 -1.44 -35.12 8.40
C LEU A 185 0.05 -35.29 8.15
N SER A 186 0.63 -34.45 7.29
CA SER A 186 2.08 -34.40 7.16
C SER A 186 2.50 -33.15 6.44
N ALA A 187 3.74 -32.74 6.66
CA ALA A 187 4.29 -31.57 5.98
C ALA A 187 5.77 -31.74 5.76
N THR A 188 6.20 -31.71 4.50
CA THR A 188 7.60 -31.95 4.17
C THR A 188 8.15 -30.81 3.31
N GLN A 189 9.47 -30.67 3.34
CA GLN A 189 10.14 -29.64 2.57
C GLN A 189 11.36 -30.23 1.86
N TYR A 190 11.08 -31.24 1.05
CA TYR A 190 12.10 -31.88 0.25
C TYR A 190 12.67 -30.92 -0.79
N LYS A 191 13.95 -31.13 -1.10
CA LYS A 191 14.66 -30.34 -2.08
C LYS A 191 14.71 -31.10 -3.42
N HIS A 192 14.55 -30.35 -4.50
CA HIS A 192 14.47 -30.90 -5.85
C HIS A 192 15.38 -30.12 -6.78
N ASP A 193 15.97 -30.80 -7.76
CA ASP A 193 16.77 -30.14 -8.78
C ASP A 193 16.17 -30.41 -10.14
N ILE A 194 16.21 -29.40 -11.01
CA ILE A 194 15.71 -29.58 -12.37
C ILE A 194 16.78 -29.11 -13.34
N LYS A 195 17.01 -29.93 -14.37
CA LYS A 195 17.92 -29.57 -15.44
C LYS A 195 17.09 -29.21 -16.67
N TYR A 196 17.26 -27.98 -17.14
CA TYR A 196 16.44 -27.43 -18.22
C TYR A 196 17.21 -27.51 -19.55
N ASN A 197 16.46 -27.53 -20.65
CA ASN A 197 17.03 -27.63 -21.99
C ASN A 197 17.91 -26.42 -22.29
N CYS A 198 17.44 -25.26 -21.83
CA CYS A 198 18.05 -23.98 -22.12
C CYS A 198 19.42 -23.75 -21.46
N CYS A 199 19.77 -24.53 -20.43
CA CYS A 199 20.86 -24.14 -19.54
C CYS A 199 21.69 -25.32 -19.01
N GLU A 200 23.01 -25.13 -18.93
CA GLU A 200 23.89 -26.12 -18.33
C GLU A 200 23.74 -26.13 -16.81
N GLU A 201 23.24 -25.03 -16.25
CA GLU A 201 23.10 -24.89 -14.81
C GLU A 201 21.91 -25.70 -14.28
N ILE A 202 22.06 -26.24 -13.08
CA ILE A 202 20.95 -26.87 -12.38
C ILE A 202 20.17 -25.81 -11.57
N TYR A 203 18.86 -26.00 -11.45
CA TYR A 203 17.96 -25.11 -10.71
C TYR A 203 17.30 -25.81 -9.54
N PRO A 204 17.62 -25.40 -8.31
CA PRO A 204 17.03 -26.04 -7.13
C PRO A 204 15.71 -25.41 -6.68
N ASP A 205 14.87 -26.20 -6.01
CA ASP A 205 13.74 -25.63 -5.30
C ASP A 205 13.55 -26.44 -4.03
N VAL A 206 12.88 -25.83 -3.08
CA VAL A 206 12.39 -26.52 -1.90
C VAL A 206 10.88 -26.56 -2.03
N VAL A 207 10.31 -27.75 -2.08
CA VAL A 207 8.86 -27.88 -2.23
C VAL A 207 8.19 -28.20 -0.90
N LEU A 208 7.25 -27.34 -0.52
CA LEU A 208 6.41 -27.56 0.64
C LEU A 208 5.24 -28.42 0.21
N VAL A 209 5.11 -29.59 0.82
CA VAL A 209 4.01 -30.50 0.52
C VAL A 209 3.24 -30.73 1.80
N VAL A 210 1.97 -30.36 1.79
CA VAL A 210 1.14 -30.46 2.98
C VAL A 210 -0.06 -31.35 2.68
N LYS A 211 -0.23 -32.34 3.55
CA LYS A 211 -1.40 -33.20 3.53
C LYS A 211 -2.25 -32.81 4.73
N PHE A 212 -3.53 -32.55 4.50
CA PHE A 212 -4.38 -31.98 5.52
C PHE A 212 -5.85 -32.35 5.30
N ARG A 213 -6.64 -32.20 6.34
CA ARG A 213 -8.07 -32.45 6.25
C ARG A 213 -8.80 -31.58 7.26
N GLU A 214 -10.08 -31.35 6.98
CA GLU A 214 -10.99 -30.70 7.90
C GLU A 214 -10.92 -31.41 9.25
N ARG A 215 -10.85 -30.65 10.33
CA ARG A 215 -10.71 -31.28 11.65
C ARG A 215 -11.95 -32.15 11.95
N ARG A 216 -13.08 -31.88 11.27
CA ARG A 216 -14.30 -32.70 11.42
C ARG A 216 -14.35 -33.97 10.55
N ALA A 217 -13.41 -34.10 9.62
CA ALA A 217 -13.39 -35.20 8.65
C ALA A 217 -12.83 -36.51 9.22
N GLY A 218 -12.05 -36.42 10.29
CA GLY A 218 -11.40 -37.60 10.83
C GLY A 218 -12.34 -38.49 11.62
N LYS B 7 6.29 33.18 22.68
CA LYS B 7 5.84 32.13 21.80
C LYS B 7 6.91 31.77 20.79
N LEU B 8 7.41 32.77 20.07
CA LEU B 8 8.46 32.53 19.08
C LEU B 8 9.65 31.90 19.77
N HIS B 9 9.91 32.32 21.01
CA HIS B 9 11.04 31.82 21.77
C HIS B 9 10.85 30.35 22.12
N SER B 10 9.68 30.00 22.64
CA SER B 10 9.39 28.62 23.00
C SER B 10 9.48 27.71 21.77
N GLN B 11 9.10 28.23 20.60
CA GLN B 11 9.21 27.49 19.36
C GLN B 11 10.67 27.25 18.96
N ALA B 12 11.51 28.26 19.12
CA ALA B 12 12.91 28.13 18.74
C ALA B 12 13.64 27.21 19.72
N ASN B 13 13.17 27.21 20.97
CA ASN B 13 13.72 26.29 21.97
C ASN B 13 13.41 24.83 21.60
N LEU B 14 12.18 24.58 21.15
CA LEU B 14 11.77 23.22 20.77
C LEU B 14 12.46 22.75 19.49
N MET B 15 12.45 23.59 18.45
CA MET B 15 13.19 23.26 17.22
C MET B 15 14.67 23.01 17.53
N ARG B 16 15.21 23.73 18.51
CA ARG B 16 16.61 23.56 18.90
C ARG B 16 16.82 22.22 19.60
N LEU B 17 15.93 21.90 20.53
CA LEU B 17 15.95 20.61 21.21
C LEU B 17 15.91 19.44 20.22
N LYS B 18 14.91 19.42 19.36
CA LYS B 18 14.77 18.38 18.35
C LYS B 18 16.04 18.28 17.51
N SER B 19 16.51 19.43 17.03
CA SER B 19 17.73 19.48 16.24
C SER B 19 18.91 18.87 16.99
N ASP B 20 19.06 19.23 18.25
CA ASP B 20 20.15 18.71 19.07
C ASP B 20 20.04 17.20 19.29
N LEU B 21 18.82 16.72 19.47
CA LEU B 21 18.57 15.30 19.74
C LEU B 21 18.69 14.45 18.48
N PHE B 22 18.21 14.99 17.36
CA PHE B 22 18.07 14.21 16.14
C PHE B 22 19.14 14.49 15.08
N ASN B 23 20.01 15.48 15.32
CA ASN B 23 21.04 15.86 14.35
C ASN B 23 22.42 16.08 14.99
N TYR B 28 19.70 5.79 17.39
CA TYR B 28 19.80 4.63 18.31
C TYR B 28 19.80 3.35 17.48
N PRO B 29 20.83 2.52 17.64
CA PRO B 29 20.96 1.30 16.84
C PRO B 29 20.12 0.13 17.34
N GLY B 30 19.34 0.39 18.38
CA GLY B 30 18.56 -0.66 19.01
C GLY B 30 19.35 -1.25 20.16
N PRO B 31 18.72 -2.10 20.96
CA PRO B 31 19.38 -2.70 22.13
C PRO B 31 20.31 -3.86 21.81
N THR B 32 21.16 -4.20 22.77
CA THR B 32 21.97 -5.40 22.66
C THR B 32 22.12 -6.01 24.08
N LYS B 33 22.72 -7.19 24.18
CA LYS B 33 22.94 -7.88 25.47
C LYS B 33 23.55 -6.97 26.53
N ASP B 34 24.45 -6.09 26.11
CA ASP B 34 25.15 -5.18 27.01
C ASP B 34 24.50 -3.81 27.11
N ASP B 35 23.46 -3.58 26.30
CA ASP B 35 22.66 -2.37 26.37
C ASP B 35 21.18 -2.76 26.22
N PRO B 36 20.67 -3.53 27.19
CA PRO B 36 19.27 -3.99 27.16
C PRO B 36 18.27 -2.87 27.42
N LEU B 37 17.07 -3.03 26.89
CA LEU B 37 16.04 -2.03 26.98
C LEU B 37 14.81 -2.68 27.54
N THR B 38 14.21 -2.05 28.53
CA THR B 38 12.90 -2.49 29.03
C THR B 38 11.74 -1.84 28.26
N VAL B 39 10.82 -2.66 27.74
CA VAL B 39 9.60 -2.17 27.10
C VAL B 39 8.41 -2.64 27.89
N THR B 40 7.61 -1.69 28.36
CA THR B 40 6.36 -1.97 29.05
C THR B 40 5.16 -1.89 28.09
N LEU B 41 4.33 -2.92 28.12
CA LEU B 41 3.19 -3.05 27.23
C LEU B 41 1.93 -3.16 28.01
N GLY B 42 0.86 -2.55 27.50
CA GLY B 42 -0.47 -2.76 28.02
C GLY B 42 -1.54 -2.51 26.98
N PHE B 43 -2.66 -3.21 27.10
CA PHE B 43 -3.74 -3.18 26.12
C PHE B 43 -5.04 -2.55 26.62
N THR B 44 -5.63 -1.75 25.74
CA THR B 44 -7.00 -1.25 25.89
C THR B 44 -7.82 -1.91 24.79
N LEU B 45 -8.75 -2.79 25.17
CA LEU B 45 -9.54 -3.48 24.18
C LEU B 45 -10.77 -2.62 23.86
N GLN B 46 -10.94 -2.30 22.58
CA GLN B 46 -12.04 -1.41 22.16
C GLN B 46 -13.20 -2.20 21.52
N ASP B 47 -12.90 -3.26 20.77
CA ASP B 47 -13.95 -4.02 20.10
C ASP B 47 -13.48 -5.37 19.61
N ILE B 48 -14.34 -6.37 19.77
CA ILE B 48 -14.25 -7.58 18.96
C ILE B 48 -15.22 -7.37 17.78
N VAL B 49 -14.66 -7.16 16.59
CA VAL B 49 -15.46 -6.78 15.44
C VAL B 49 -16.16 -7.98 14.83
N LYS B 50 -15.39 -9.04 14.65
CA LYS B 50 -15.77 -10.15 13.79
C LYS B 50 -15.17 -11.45 14.33
N ALA B 51 -15.98 -12.50 14.36
CA ALA B 51 -15.51 -13.84 14.72
C ALA B 51 -15.90 -14.79 13.60
N ASP B 52 -14.93 -15.30 12.86
CA ASP B 52 -15.23 -16.03 11.63
C ASP B 52 -15.01 -17.53 11.89
N SER B 53 -16.11 -18.28 12.01
CA SER B 53 -16.02 -19.70 12.33
C SER B 53 -15.69 -20.53 11.09
N SER B 54 -15.71 -19.92 9.92
CA SER B 54 -15.37 -20.66 8.72
C SER B 54 -13.85 -20.81 8.56
N THR B 55 -13.08 -19.91 9.17
CA THR B 55 -11.62 -19.92 9.04
C THR B 55 -10.91 -19.92 10.41
N ASN B 56 -11.69 -19.78 11.49
CA ASN B 56 -11.18 -19.58 12.83
C ASN B 56 -10.17 -18.42 12.89
N GLU B 57 -10.68 -17.25 12.53
CA GLU B 57 -9.99 -15.97 12.68
C GLU B 57 -10.93 -15.04 13.44
N VAL B 58 -10.38 -14.28 14.38
CA VAL B 58 -11.13 -13.23 15.04
C VAL B 58 -10.44 -11.89 14.88
N ASP B 59 -11.25 -10.83 14.73
CA ASP B 59 -10.73 -9.49 14.52
C ASP B 59 -10.96 -8.63 15.75
N LEU B 60 -9.88 -8.05 16.27
CA LEU B 60 -9.91 -7.14 17.43
C LEU B 60 -9.44 -5.78 17.05
N VAL B 61 -9.99 -4.77 17.72
CA VAL B 61 -9.48 -3.41 17.71
C VAL B 61 -9.07 -3.05 19.12
N TYR B 62 -7.84 -2.57 19.27
CA TYR B 62 -7.26 -2.28 20.58
C TYR B 62 -6.25 -1.17 20.43
N TRP B 63 -5.93 -0.53 21.56
CA TRP B 63 -4.86 0.44 21.66
C TRP B 63 -3.74 -0.28 22.43
N GLU B 64 -2.54 -0.27 21.86
CA GLU B 64 -1.39 -0.97 22.38
C GLU B 64 -0.45 0.07 22.95
N GLN B 65 -0.50 0.26 24.26
CA GLN B 65 0.40 1.21 24.93
C GLN B 65 1.82 0.64 25.12
N GLN B 66 2.81 1.34 24.57
CA GLN B 66 4.20 0.98 24.65
C GLN B 66 5.00 2.09 25.32
N ARG B 67 5.86 1.73 26.28
CA ARG B 67 6.75 2.69 26.94
C ARG B 67 8.15 2.11 27.13
N TRP B 68 9.15 2.93 26.86
CA TRP B 68 10.56 2.60 27.02
C TRP B 68 11.37 3.89 27.29
N LYS B 69 12.64 3.76 27.65
CA LYS B 69 13.46 4.93 28.00
C LYS B 69 14.84 4.82 27.38
N LEU B 70 15.29 5.93 26.81
CA LEU B 70 16.60 6.02 26.18
C LEU B 70 17.40 7.17 26.78
N ASN B 71 18.62 6.86 27.22
CA ASN B 71 19.50 7.91 27.75
C ASN B 71 19.79 8.94 26.67
N SER B 72 19.84 8.48 25.42
CA SER B 72 20.09 9.36 24.29
C SER B 72 18.96 10.35 23.99
N LEU B 73 17.81 10.24 24.67
CA LEU B 73 16.70 11.17 24.47
C LEU B 73 16.48 12.04 25.70
N MET B 74 17.47 12.05 26.59
CA MET B 74 17.41 12.84 27.81
C MET B 74 17.86 14.27 27.55
N TRP B 75 17.26 15.21 28.27
CA TRP B 75 17.73 16.59 28.23
C TRP B 75 17.41 17.30 29.55
N ASP B 76 18.10 18.41 29.78
CA ASP B 76 17.82 19.30 30.91
C ASP B 76 16.78 20.33 30.46
N PRO B 77 15.59 20.32 31.08
CA PRO B 77 14.60 21.33 30.70
C PRO B 77 15.11 22.75 30.89
N ASN B 78 15.94 22.96 31.92
CA ASN B 78 16.46 24.30 32.20
C ASN B 78 17.31 24.85 31.06
N GLU B 79 17.94 23.97 30.30
CA GLU B 79 18.77 24.40 29.16
C GLU B 79 17.94 24.55 27.87
N TYR B 80 16.64 24.31 27.96
CA TYR B 80 15.76 24.32 26.80
C TYR B 80 14.42 24.96 27.13
N GLY B 81 14.45 26.05 27.89
CA GLY B 81 13.28 26.87 28.10
C GLY B 81 12.20 26.20 28.93
N ASN B 82 12.62 25.27 29.80
CA ASN B 82 11.72 24.50 30.63
C ASN B 82 10.78 23.57 29.84
N ILE B 83 11.18 23.20 28.62
CA ILE B 83 10.48 22.16 27.87
C ILE B 83 10.71 20.81 28.55
N THR B 84 9.61 20.15 28.90
CA THR B 84 9.65 18.86 29.60
C THR B 84 9.28 17.65 28.73
N ASP B 85 8.56 17.89 27.63
CA ASP B 85 8.27 16.83 26.67
C ASP B 85 8.02 17.41 25.29
N PHE B 86 7.95 16.54 24.29
CA PHE B 86 7.47 16.96 22.98
C PHE B 86 6.86 15.80 22.22
N ARG B 87 6.09 16.13 21.20
CA ARG B 87 5.53 15.16 20.27
C ARG B 87 6.40 15.05 19.04
N THR B 88 6.52 13.84 18.51
CA THR B 88 7.32 13.67 17.32
C THR B 88 6.79 12.49 16.53
N SER B 89 7.03 12.49 15.22
CA SER B 89 6.65 11.35 14.40
C SER B 89 7.40 10.11 14.85
N ALA B 90 6.71 8.97 14.92
CA ALA B 90 7.36 7.74 15.39
C ALA B 90 8.42 7.30 14.41
N ALA B 91 8.36 7.84 13.20
CA ALA B 91 9.38 7.58 12.21
C ALA B 91 10.68 8.32 12.55
N ASP B 92 10.61 9.31 13.43
CA ASP B 92 11.81 10.08 13.83
C ASP B 92 12.65 9.40 14.94
N ILE B 93 12.11 8.35 15.55
CA ILE B 93 12.79 7.70 16.65
C ILE B 93 12.80 6.20 16.42
N TRP B 94 13.69 5.54 17.13
CA TRP B 94 13.64 4.08 17.22
C TRP B 94 12.37 3.67 17.92
N THR B 95 11.72 2.64 17.41
CA THR B 95 10.60 2.03 18.10
C THR B 95 10.77 0.51 18.14
N PRO B 96 10.24 -0.15 19.20
CA PRO B 96 10.40 -1.59 19.35
C PRO B 96 9.54 -2.40 18.36
N ASP B 97 10.02 -3.57 17.97
CA ASP B 97 9.37 -4.39 16.94
C ASP B 97 8.29 -5.34 17.53
N ILE B 98 7.38 -4.78 18.32
CA ILE B 98 6.36 -5.59 18.99
C ILE B 98 5.35 -6.09 17.95
N THR B 99 5.15 -7.39 17.98
CA THR B 99 4.45 -8.13 16.92
C THR B 99 3.50 -9.14 17.54
N ALA B 100 2.29 -9.30 17.00
CA ALA B 100 1.43 -10.42 17.39
C ALA B 100 2.01 -11.70 16.80
N TYR B 101 2.05 -12.78 17.56
CA TYR B 101 2.73 -13.97 17.08
C TYR B 101 1.83 -14.93 16.31
N SER B 102 0.53 -14.65 16.24
CA SER B 102 -0.40 -15.54 15.54
C SER B 102 -1.42 -14.72 14.72
N SER B 103 -0.94 -13.61 14.17
CA SER B 103 -1.78 -12.83 13.26
C SER B 103 -1.99 -13.67 11.99
N THR B 104 -3.07 -13.43 11.28
CA THR B 104 -3.31 -14.05 9.98
C THR B 104 -3.39 -13.07 8.79
N ARG B 105 -3.34 -11.78 9.08
CA ARG B 105 -3.28 -10.68 8.10
C ARG B 105 -2.34 -9.62 8.65
N PRO B 106 -1.74 -8.80 7.79
CA PRO B 106 -0.94 -7.72 8.36
C PRO B 106 -1.79 -6.82 9.23
N VAL B 107 -1.24 -6.39 10.35
CA VAL B 107 -1.99 -5.51 11.26
C VAL B 107 -2.29 -4.19 10.56
N GLN B 108 -3.46 -3.63 10.81
CA GLN B 108 -3.84 -2.33 10.24
C GLN B 108 -3.77 -1.24 11.31
N VAL B 109 -3.05 -0.16 11.02
CA VAL B 109 -2.88 0.91 11.99
C VAL B 109 -4.01 1.95 11.82
N LEU B 110 -4.64 2.31 12.93
CA LEU B 110 -5.85 3.11 12.89
C LEU B 110 -5.65 4.52 13.38
N SER B 111 -4.47 4.79 13.93
CA SER B 111 -4.16 6.08 14.50
C SER B 111 -2.89 6.69 13.91
N PRO B 112 -2.73 8.02 14.07
CA PRO B 112 -1.47 8.70 13.73
C PRO B 112 -0.24 8.11 14.41
N GLN B 113 0.87 8.03 13.71
CA GLN B 113 2.08 7.45 14.28
C GLN B 113 2.97 8.53 14.91
N ILE B 114 2.57 8.93 16.11
CA ILE B 114 3.19 10.01 16.86
C ILE B 114 3.47 9.53 18.25
N ALA B 115 4.69 9.77 18.72
CA ALA B 115 5.11 9.41 20.05
C ALA B 115 5.32 10.67 20.89
N VAL B 116 5.33 10.49 22.20
CA VAL B 116 5.64 11.55 23.14
C VAL B 116 6.93 11.22 23.85
N VAL B 117 7.87 12.15 23.80
CA VAL B 117 9.16 11.99 24.40
C VAL B 117 9.24 12.95 25.58
N THR B 118 9.71 12.44 26.73
CA THR B 118 9.80 13.24 27.94
C THR B 118 11.28 13.40 28.29
N HIS B 119 11.62 14.46 29.04
CA HIS B 119 13.01 14.84 29.22
C HIS B 119 13.87 13.81 29.95
N ASP B 120 13.25 12.87 30.65
CA ASP B 120 14.00 11.78 31.29
C ASP B 120 14.37 10.69 30.28
N GLY B 121 14.00 10.90 29.02
CA GLY B 121 14.34 9.98 27.95
C GLY B 121 13.24 8.95 27.72
N SER B 122 12.13 9.06 28.44
CA SER B 122 11.07 8.08 28.30
C SER B 122 10.18 8.42 27.09
N VAL B 123 9.74 7.36 26.41
CA VAL B 123 8.91 7.49 25.21
C VAL B 123 7.60 6.77 25.46
N MET B 124 6.51 7.36 25.00
CA MET B 124 5.19 6.79 25.11
C MET B 124 4.59 6.71 23.70
N PHE B 125 4.15 5.54 23.29
CA PHE B 125 3.62 5.36 21.94
C PHE B 125 2.40 4.43 22.04
N ILE B 126 1.26 4.87 21.51
CA ILE B 126 0.00 4.16 21.71
C ILE B 126 -0.77 4.02 20.41
N PRO B 127 -0.32 3.09 19.56
CA PRO B 127 -1.00 2.83 18.29
C PRO B 127 -2.35 2.14 18.47
N ALA B 128 -3.37 2.62 17.77
CA ALA B 128 -4.61 1.86 17.64
C ALA B 128 -4.45 0.94 16.43
N GLN B 129 -4.90 -0.30 16.59
CA GLN B 129 -4.72 -1.33 15.60
C GLN B 129 -5.92 -2.23 15.44
N ARG B 130 -6.11 -2.74 14.22
CA ARG B 130 -7.03 -3.82 13.98
C ARG B 130 -6.18 -5.05 13.60
N LEU B 131 -6.43 -6.14 14.32
CA LEU B 131 -5.68 -7.40 14.19
C LEU B 131 -6.62 -8.56 13.89
N SER B 132 -6.32 -9.35 12.86
CA SER B 132 -6.95 -10.64 12.65
C SER B 132 -5.98 -11.69 13.19
N PHE B 133 -6.46 -12.56 14.05
CA PHE B 133 -5.55 -13.57 14.63
C PHE B 133 -6.26 -14.90 14.78
N MET B 134 -5.48 -15.96 15.03
CA MET B 134 -5.99 -17.30 15.06
C MET B 134 -6.82 -17.55 16.33
N CYS B 135 -8.06 -17.92 16.12
CA CYS B 135 -9.03 -18.05 17.20
C CYS B 135 -10.24 -18.88 16.75
N ASP B 136 -10.50 -19.93 17.51
CA ASP B 136 -11.66 -20.78 17.27
C ASP B 136 -12.79 -20.24 18.15
N PRO B 137 -13.83 -19.63 17.56
CA PRO B 137 -14.89 -19.05 18.40
C PRO B 137 -16.00 -20.06 18.80
N THR B 138 -15.68 -21.34 18.79
CA THR B 138 -16.68 -22.33 19.17
C THR B 138 -17.08 -22.02 20.62
N GLY B 139 -18.39 -21.92 20.87
CA GLY B 139 -18.91 -21.62 22.21
C GLY B 139 -19.39 -20.18 22.40
N VAL B 140 -19.11 -19.34 21.42
CA VAL B 140 -19.36 -17.91 21.56
C VAL B 140 -20.87 -17.66 21.72
N ASP B 141 -21.66 -18.55 21.14
CA ASP B 141 -23.12 -18.51 21.22
C ASP B 141 -23.67 -19.28 22.43
N SER B 142 -22.89 -19.36 23.50
CA SER B 142 -23.30 -20.02 24.74
C SER B 142 -23.02 -19.11 25.92
N GLU B 143 -23.48 -19.49 27.12
CA GLU B 143 -23.33 -18.66 28.31
C GLU B 143 -21.85 -18.55 28.73
N GLU B 144 -21.16 -19.67 28.62
CA GLU B 144 -19.73 -19.82 28.96
C GLU B 144 -18.79 -19.07 27.98
N GLY B 145 -19.28 -18.82 26.78
CA GLY B 145 -18.53 -18.12 25.76
C GLY B 145 -17.35 -18.89 25.17
N ALA B 146 -16.54 -18.16 24.43
CA ALA B 146 -15.33 -18.69 23.78
C ALA B 146 -14.12 -18.04 24.41
N THR B 147 -12.98 -18.72 24.36
CA THR B 147 -11.75 -18.13 24.87
C THR B 147 -10.67 -18.20 23.81
N CYS B 148 -9.98 -17.08 23.60
CA CYS B 148 -8.84 -17.05 22.70
C CYS B 148 -7.71 -16.25 23.28
N ALA B 149 -6.54 -16.42 22.67
CA ALA B 149 -5.30 -15.89 23.20
C ALA B 149 -4.36 -15.55 22.06
N VAL B 150 -3.61 -14.47 22.25
CA VAL B 150 -2.62 -14.12 21.28
C VAL B 150 -1.46 -13.51 22.03
N LYS B 151 -0.27 -13.91 21.61
CA LYS B 151 0.97 -13.43 22.18
C LYS B 151 1.54 -12.25 21.43
N PHE B 152 2.03 -11.27 22.18
CA PHE B 152 2.71 -10.09 21.65
C PHE B 152 4.12 -10.06 22.19
N GLY B 153 5.08 -9.81 21.31
CA GLY B 153 6.47 -9.69 21.74
C GLY B 153 7.38 -9.25 20.61
N SER B 154 8.66 -9.10 20.93
CA SER B 154 9.61 -8.76 19.89
C SER B 154 9.70 -9.90 18.87
N TRP B 155 9.84 -9.58 17.59
CA TRP B 155 10.08 -10.63 16.59
C TRP B 155 11.54 -11.12 16.63
N VAL B 156 12.47 -10.21 16.87
CA VAL B 156 13.88 -10.52 16.66
C VAL B 156 14.79 -10.39 17.89
N TYR B 157 14.28 -9.82 18.98
CA TYR B 157 15.09 -9.62 20.17
C TYR B 157 14.69 -10.59 21.26
N SER B 158 15.66 -11.21 21.91
CA SER B 158 15.38 -12.03 23.09
C SER B 158 15.28 -11.14 24.31
N GLY B 159 14.93 -11.76 25.44
CA GLY B 159 14.95 -11.12 26.75
C GLY B 159 16.26 -10.46 27.19
N PHE B 160 17.36 -10.85 26.57
CA PHE B 160 18.64 -10.18 26.81
C PHE B 160 18.74 -8.80 26.19
N GLU B 161 17.92 -8.51 25.19
CA GLU B 161 17.95 -7.24 24.48
C GLU B 161 16.71 -6.40 24.80
N ILE B 162 15.54 -7.03 24.70
CA ILE B 162 14.31 -6.37 25.10
C ILE B 162 13.66 -7.15 26.24
N ASP B 163 13.64 -6.51 27.41
CA ASP B 163 13.01 -7.06 28.60
C ASP B 163 11.57 -6.53 28.67
N LEU B 164 10.63 -7.42 28.39
CA LEU B 164 9.22 -7.03 28.24
C LEU B 164 8.53 -7.11 29.57
N LYS B 165 7.82 -6.04 29.93
CA LYS B 165 7.11 -5.91 31.22
C LYS B 165 5.67 -5.48 31.04
N THR B 166 4.87 -5.74 32.07
CA THR B 166 3.53 -5.15 32.18
C THR B 166 3.46 -4.33 33.46
N ASP B 167 2.56 -3.36 33.45
CA ASP B 167 2.20 -2.57 34.62
C ASP B 167 1.08 -3.25 35.38
N THR B 168 0.26 -3.98 34.67
CA THR B 168 -0.88 -4.65 35.25
C THR B 168 -1.27 -5.80 34.36
N ASP B 169 -1.99 -6.77 34.91
CA ASP B 169 -2.48 -7.86 34.09
C ASP B 169 -3.92 -7.63 33.72
N GLN B 170 -4.48 -6.51 34.16
CA GLN B 170 -5.88 -6.20 33.86
C GLN B 170 -5.94 -5.43 32.55
N VAL B 171 -6.49 -6.05 31.51
CA VAL B 171 -6.70 -5.35 30.23
C VAL B 171 -7.72 -4.23 30.49
N ASP B 172 -7.45 -3.04 29.95
CA ASP B 172 -8.35 -1.88 30.12
C ASP B 172 -9.57 -2.06 29.23
N LEU B 173 -10.74 -2.23 29.86
CA LEU B 173 -12.01 -2.41 29.16
C LEU B 173 -12.95 -1.18 29.25
N SER B 174 -12.44 -0.07 29.75
CA SER B 174 -13.25 1.10 30.06
C SER B 174 -13.68 1.83 28.78
N SER B 175 -13.04 1.48 27.67
CA SER B 175 -13.37 2.03 26.38
C SER B 175 -13.98 0.98 25.46
N TYR B 176 -14.33 -0.19 26.00
CA TYR B 176 -14.88 -1.27 25.16
C TYR B 176 -16.28 -0.89 24.65
N TYR B 177 -16.50 -1.13 23.36
CA TYR B 177 -17.72 -0.70 22.67
C TYR B 177 -18.97 -1.39 23.23
N ALA B 178 -19.83 -0.61 23.85
CA ALA B 178 -20.90 -1.18 24.65
C ALA B 178 -21.92 -1.89 23.78
N SER B 179 -21.98 -1.55 22.49
CA SER B 179 -22.91 -2.23 21.59
C SER B 179 -22.24 -3.16 20.57
N SER B 180 -21.04 -3.65 20.90
CA SER B 180 -20.40 -4.67 20.10
C SER B 180 -21.27 -5.91 19.91
N LYS B 181 -21.06 -6.66 18.83
CA LYS B 181 -21.74 -7.93 18.68
C LYS B 181 -21.31 -8.88 19.80
N TYR B 182 -20.16 -8.60 20.41
CA TYR B 182 -19.58 -9.50 21.43
C TYR B 182 -19.33 -8.78 22.73
N GLU B 183 -19.72 -9.42 23.83
CA GLU B 183 -19.40 -8.87 25.16
C GLU B 183 -18.21 -9.61 25.75
N ILE B 184 -17.45 -8.89 26.56
CA ILE B 184 -16.25 -9.45 27.18
C ILE B 184 -16.57 -10.02 28.55
N LEU B 185 -16.21 -11.28 28.77
CA LEU B 185 -16.39 -11.93 30.07
C LEU B 185 -15.15 -11.71 30.90
N SER B 186 -13.99 -11.70 30.24
CA SER B 186 -12.76 -11.29 30.90
C SER B 186 -11.66 -11.06 29.89
N ALA B 187 -10.71 -10.23 30.26
CA ALA B 187 -9.57 -9.95 29.41
C ALA B 187 -8.37 -9.71 30.30
N THR B 188 -7.37 -10.55 30.10
CA THR B 188 -6.19 -10.54 30.94
C THR B 188 -4.93 -10.50 30.07
N GLN B 189 -3.94 -9.72 30.51
CA GLN B 189 -2.65 -9.69 29.85
C GLN B 189 -1.51 -10.22 30.75
N TYR B 190 -0.98 -11.39 30.40
CA TYR B 190 0.03 -12.11 31.22
C TYR B 190 1.42 -11.90 30.69
N LYS B 191 2.41 -11.71 31.58
CA LYS B 191 3.81 -11.65 31.16
C LYS B 191 4.34 -13.08 31.25
N HIS B 192 4.62 -13.65 30.08
CA HIS B 192 4.96 -15.06 29.93
C HIS B 192 6.37 -15.16 29.33
N ASP B 193 7.05 -16.28 29.54
CA ASP B 193 8.24 -16.50 28.73
C ASP B 193 8.50 -17.97 28.53
N ILE B 194 9.34 -18.23 27.54
CA ILE B 194 9.79 -19.58 27.26
C ILE B 194 11.31 -19.55 27.12
N LYS B 195 11.92 -20.67 27.50
CA LYS B 195 13.37 -20.79 27.54
C LYS B 195 13.71 -22.17 27.02
N TYR B 196 14.82 -22.31 26.30
CA TYR B 196 15.35 -23.65 25.98
C TYR B 196 16.35 -23.97 27.07
N ASN B 197 16.23 -25.16 27.67
CA ASN B 197 17.04 -25.51 28.85
C ASN B 197 18.52 -25.50 28.54
N CYS B 198 18.87 -25.74 27.28
CA CYS B 198 20.27 -25.71 26.85
C CYS B 198 20.95 -24.37 27.08
N CYS B 199 20.18 -23.28 27.04
CA CYS B 199 20.72 -21.93 26.86
C CYS B 199 20.12 -20.86 27.77
N GLU B 200 20.89 -19.79 27.95
CA GLU B 200 20.55 -18.77 28.94
C GLU B 200 19.40 -17.87 28.43
N GLU B 201 19.27 -17.71 27.12
CA GLU B 201 18.29 -16.76 26.58
C GLU B 201 16.86 -17.12 27.00
N ILE B 202 16.11 -16.09 27.38
CA ILE B 202 14.70 -16.22 27.67
C ILE B 202 13.93 -15.34 26.67
N TYR B 203 12.76 -15.80 26.26
CA TYR B 203 11.95 -15.15 25.22
C TYR B 203 10.60 -14.75 25.79
N PRO B 204 10.46 -13.47 26.16
CA PRO B 204 9.23 -13.06 26.84
C PRO B 204 8.16 -12.62 25.86
N ASP B 205 6.93 -12.64 26.32
CA ASP B 205 5.79 -12.16 25.54
C ASP B 205 4.73 -11.71 26.51
N VAL B 206 3.79 -10.91 26.02
CA VAL B 206 2.59 -10.64 26.77
C VAL B 206 1.48 -11.40 26.08
N VAL B 207 0.83 -12.28 26.81
CA VAL B 207 -0.25 -13.08 26.31
C VAL B 207 -1.56 -12.41 26.65
N LEU B 208 -2.29 -12.03 25.61
CA LEU B 208 -3.60 -11.44 25.74
C LEU B 208 -4.62 -12.56 25.69
N VAL B 209 -5.38 -12.77 26.78
CA VAL B 209 -6.39 -13.84 26.84
C VAL B 209 -7.77 -13.21 27.01
N VAL B 210 -8.67 -13.52 26.08
CA VAL B 210 -9.97 -12.87 26.06
C VAL B 210 -11.04 -13.93 26.04
N LYS B 211 -11.95 -13.84 27.02
CA LYS B 211 -13.15 -14.68 27.06
C LYS B 211 -14.33 -13.81 26.67
N PHE B 212 -15.12 -14.26 25.69
CA PHE B 212 -16.17 -13.43 25.11
C PHE B 212 -17.34 -14.26 24.63
N ARG B 213 -18.49 -13.62 24.43
CA ARG B 213 -19.67 -14.31 23.95
C ARG B 213 -20.57 -13.33 23.18
N GLU B 214 -21.44 -13.88 22.35
CA GLU B 214 -22.44 -13.08 21.60
C GLU B 214 -23.30 -12.29 22.58
N ARG B 215 -23.50 -11.00 22.34
CA ARG B 215 -24.15 -10.15 23.37
C ARG B 215 -25.62 -10.52 23.57
N LEU C 8 3.94 35.67 -15.56
CA LEU C 8 5.25 35.15 -15.19
C LEU C 8 5.76 35.80 -13.90
N HIS C 9 5.47 37.08 -13.70
CA HIS C 9 5.87 37.75 -12.47
C HIS C 9 5.10 37.15 -11.30
N SER C 10 3.80 36.92 -11.49
CA SER C 10 2.97 36.32 -10.45
C SER C 10 3.52 34.96 -10.01
N GLN C 11 3.95 34.14 -10.97
CA GLN C 11 4.56 32.84 -10.69
C GLN C 11 5.81 32.97 -9.83
N ALA C 12 6.63 33.98 -10.12
CA ALA C 12 7.87 34.19 -9.39
C ALA C 12 7.56 34.69 -8.01
N ASN C 13 6.56 35.57 -7.91
CA ASN C 13 6.13 36.04 -6.60
C ASN C 13 5.61 34.90 -5.71
N LEU C 14 4.88 33.95 -6.29
CA LEU C 14 4.36 32.82 -5.53
C LEU C 14 5.49 31.86 -5.15
N MET C 15 6.37 31.54 -6.10
CA MET C 15 7.54 30.70 -5.83
C MET C 15 8.38 31.32 -4.72
N ARG C 16 8.51 32.65 -4.75
CA ARG C 16 9.24 33.38 -3.72
C ARG C 16 8.58 33.23 -2.37
N LEU C 17 7.29 33.58 -2.30
CA LEU C 17 6.51 33.50 -1.07
C LEU C 17 6.61 32.11 -0.43
N LYS C 18 6.57 31.06 -1.24
CA LYS C 18 6.58 29.70 -0.71
C LYS C 18 7.96 29.32 -0.22
N SER C 19 9.01 29.72 -0.95
CA SER C 19 10.39 29.56 -0.48
C SER C 19 10.56 30.19 0.88
N ASP C 20 10.17 31.46 0.98
CA ASP C 20 10.33 32.22 2.22
C ASP C 20 9.65 31.53 3.39
N LEU C 21 8.43 31.05 3.18
CA LEU C 21 7.65 30.45 4.25
C LEU C 21 8.14 29.06 4.62
N PHE C 22 8.66 28.32 3.65
CA PHE C 22 8.99 26.91 3.84
C PHE C 22 10.48 26.63 3.90
N ASN C 23 11.31 27.62 3.58
CA ASN C 23 12.77 27.51 3.71
C ASN C 23 13.40 28.81 4.21
N TYR C 28 7.55 24.83 12.03
CA TYR C 28 6.59 24.80 13.13
C TYR C 28 6.63 23.43 13.76
N PRO C 29 7.02 23.35 15.04
CA PRO C 29 7.16 22.04 15.68
C PRO C 29 5.86 21.48 16.24
N GLY C 30 4.74 22.14 15.95
CA GLY C 30 3.46 21.75 16.50
C GLY C 30 3.19 22.49 17.80
N PRO C 31 1.94 22.45 18.27
CA PRO C 31 1.53 23.20 19.47
C PRO C 31 2.09 22.63 20.76
N THR C 32 2.18 23.47 21.78
CA THR C 32 2.61 23.06 23.12
C THR C 32 1.72 23.75 24.14
N LYS C 33 1.94 23.45 25.41
CA LYS C 33 1.18 24.05 26.50
C LYS C 33 1.50 25.54 26.60
N ASP C 34 2.68 25.92 26.11
CA ASP C 34 3.11 27.33 26.10
C ASP C 34 2.78 28.05 24.78
N ASP C 35 2.29 27.31 23.79
CA ASP C 35 1.98 27.84 22.49
C ASP C 35 0.81 27.05 21.88
N PRO C 36 -0.34 27.09 22.55
CA PRO C 36 -1.44 26.19 22.20
C PRO C 36 -2.16 26.64 20.93
N LEU C 37 -2.92 25.73 20.34
CA LEU C 37 -3.52 25.97 19.03
C LEU C 37 -5.00 25.66 19.04
N THR C 38 -5.79 26.54 18.43
CA THR C 38 -7.21 26.30 18.24
C THR C 38 -7.42 25.66 16.88
N VAL C 39 -8.13 24.53 16.84
CA VAL C 39 -8.50 23.87 15.58
C VAL C 39 -10.01 23.79 15.54
N THR C 40 -10.59 24.37 14.49
CA THR C 40 -12.03 24.32 14.29
C THR C 40 -12.38 23.22 13.30
N LEU C 41 -13.33 22.40 13.70
CA LEU C 41 -13.80 21.25 12.93
C LEU C 41 -15.25 21.38 12.54
N GLY C 42 -15.57 20.99 11.32
CA GLY C 42 -16.93 20.87 10.86
C GLY C 42 -17.10 19.69 9.92
N PHE C 43 -18.22 19.00 10.05
CA PHE C 43 -18.49 17.85 9.19
C PHE C 43 -19.66 18.09 8.23
N THR C 44 -19.45 17.61 7.01
CA THR C 44 -20.48 17.51 6.00
C THR C 44 -20.65 16.06 5.65
N LEU C 45 -21.84 15.51 5.90
CA LEU C 45 -22.09 14.08 5.65
C LEU C 45 -22.66 13.87 4.25
N GLN C 46 -21.98 13.07 3.45
CA GLN C 46 -22.39 12.85 2.06
C GLN C 46 -23.18 11.59 1.87
N ASP C 47 -22.83 10.53 2.61
CA ASP C 47 -23.49 9.26 2.40
C ASP C 47 -23.21 8.27 3.53
N ILE C 48 -24.25 7.59 3.98
CA ILE C 48 -24.11 6.34 4.70
C ILE C 48 -24.18 5.25 3.68
N VAL C 49 -23.04 4.63 3.43
CA VAL C 49 -22.94 3.66 2.35
C VAL C 49 -23.44 2.29 2.74
N LYS C 50 -23.05 1.84 3.93
CA LYS C 50 -23.23 0.45 4.31
C LYS C 50 -23.47 0.38 5.80
N ALA C 51 -24.42 -0.43 6.22
CA ALA C 51 -24.58 -0.74 7.65
C ALA C 51 -24.56 -2.26 7.79
N ASP C 52 -23.54 -2.78 8.48
CA ASP C 52 -23.32 -4.21 8.62
C ASP C 52 -23.75 -4.69 10.02
N SER C 53 -24.86 -5.41 10.09
CA SER C 53 -25.37 -5.92 11.36
C SER C 53 -24.65 -7.19 11.82
N SER C 54 -23.85 -7.80 10.94
CA SER C 54 -23.09 -8.99 11.29
CA SER C 54 -23.09 -8.98 11.31
C SER C 54 -21.86 -8.63 12.14
N THR C 55 -21.36 -7.39 11.99
CA THR C 55 -20.15 -6.94 12.68
C THR C 55 -20.32 -5.66 13.48
N ASN C 56 -21.50 -5.04 13.37
CA ASN C 56 -21.78 -3.70 13.91
C ASN C 56 -20.69 -2.67 13.53
N GLU C 57 -20.56 -2.52 12.22
CA GLU C 57 -19.77 -1.51 11.55
C GLU C 57 -20.66 -0.74 10.57
N VAL C 58 -20.55 0.58 10.57
CA VAL C 58 -21.23 1.38 9.53
C VAL C 58 -20.17 2.13 8.74
N ASP C 59 -20.41 2.34 7.43
CA ASP C 59 -19.47 3.05 6.55
C ASP C 59 -20.06 4.42 6.13
N LEU C 60 -19.35 5.51 6.44
CA LEU C 60 -19.72 6.89 6.10
C LEU C 60 -18.78 7.52 5.08
N VAL C 61 -19.32 8.34 4.20
CA VAL C 61 -18.51 9.26 3.40
C VAL C 61 -18.88 10.67 3.86
N TYR C 62 -17.87 11.46 4.21
CA TYR C 62 -18.05 12.81 4.73
C TYR C 62 -16.85 13.67 4.34
N TRP C 63 -17.03 14.99 4.40
CA TRP C 63 -15.92 15.92 4.29
C TRP C 63 -15.70 16.47 5.65
N GLU C 64 -14.43 16.63 6.02
CA GLU C 64 -14.05 17.09 7.35
C GLU C 64 -13.33 18.43 7.20
N GLN C 65 -14.01 19.53 7.51
CA GLN C 65 -13.38 20.83 7.36
C GLN C 65 -12.52 21.12 8.59
N GLN C 66 -11.25 21.41 8.36
CA GLN C 66 -10.33 21.79 9.43
C GLN C 66 -9.76 23.18 9.18
N ARG C 67 -9.72 23.97 10.24
CA ARG C 67 -9.16 25.31 10.16
C ARG C 67 -8.36 25.65 11.41
N TRP C 68 -7.19 26.22 11.19
CA TRP C 68 -6.30 26.71 12.25
C TRP C 68 -5.50 27.90 11.71
N LYS C 69 -4.74 28.57 12.58
CA LYS C 69 -3.97 29.77 12.19
C LYS C 69 -2.61 29.77 12.88
N LEU C 70 -1.56 29.99 12.09
CA LEU C 70 -0.19 30.06 12.60
C LEU C 70 0.47 31.39 12.24
N ASN C 71 1.15 32.00 13.21
CA ASN C 71 1.93 33.21 12.97
C ASN C 71 3.02 32.98 11.92
N SER C 72 3.61 31.78 11.96
CA SER C 72 4.67 31.41 11.03
C SER C 72 4.20 31.28 9.57
N LEU C 73 2.89 31.35 9.32
CA LEU C 73 2.38 31.30 7.94
C LEU C 73 1.85 32.66 7.48
N MET C 74 2.11 33.70 8.25
CA MET C 74 1.67 35.05 7.89
C MET C 74 2.63 35.71 6.90
N TRP C 75 2.08 36.59 6.07
CA TRP C 75 2.90 37.42 5.19
C TRP C 75 2.16 38.69 4.83
N ASP C 76 2.91 39.64 4.28
CA ASP C 76 2.38 40.91 3.81
C ASP C 76 2.16 40.79 2.29
N PRO C 77 0.89 40.87 1.83
CA PRO C 77 0.65 40.70 0.39
C PRO C 77 1.39 41.73 -0.47
N ASN C 78 1.51 42.96 0.00
CA ASN C 78 2.22 44.01 -0.75
C ASN C 78 3.68 43.66 -0.97
N GLU C 79 4.23 42.79 -0.12
CA GLU C 79 5.60 42.35 -0.27
C GLU C 79 5.72 41.15 -1.23
N TYR C 80 4.59 40.72 -1.79
CA TYR C 80 4.57 39.57 -2.70
C TYR C 80 3.52 39.69 -3.81
N GLY C 81 3.35 40.88 -4.39
CA GLY C 81 2.49 41.05 -5.54
C GLY C 81 0.99 40.96 -5.30
N ASN C 82 0.56 41.36 -4.11
CA ASN C 82 -0.86 41.33 -3.74
C ASN C 82 -1.43 39.89 -3.62
N ILE C 83 -0.56 38.89 -3.49
CA ILE C 83 -0.99 37.52 -3.19
C ILE C 83 -1.58 37.45 -1.79
N THR C 84 -2.88 37.12 -1.71
CA THR C 84 -3.59 37.02 -0.42
C THR C 84 -3.80 35.58 0.08
N ASP C 85 -3.58 34.59 -0.78
CA ASP C 85 -3.67 33.19 -0.37
C ASP C 85 -3.03 32.31 -1.43
N PHE C 86 -2.76 31.05 -1.09
CA PHE C 86 -2.29 30.11 -2.08
C PHE C 86 -2.69 28.68 -1.71
N ARG C 87 -2.68 27.80 -2.70
CA ARG C 87 -2.93 26.38 -2.51
C ARG C 87 -1.63 25.64 -2.39
N THR C 88 -1.57 24.66 -1.49
CA THR C 88 -0.34 23.91 -1.35
C THR C 88 -0.63 22.52 -0.82
N SER C 89 0.19 21.54 -1.21
CA SER C 89 0.07 20.18 -0.67
C SER C 89 0.07 20.18 0.84
N ALA C 90 -0.86 19.43 1.42
CA ALA C 90 -0.93 19.39 2.86
C ALA C 90 0.33 18.77 3.49
N ALA C 91 1.12 18.03 2.70
CA ALA C 91 2.40 17.54 3.20
C ALA C 91 3.42 18.68 3.43
N ASP C 92 3.27 19.79 2.72
CA ASP C 92 4.21 20.92 2.88
C ASP C 92 4.10 21.67 4.22
N ILE C 93 2.98 21.52 4.91
CA ILE C 93 2.71 22.24 6.15
C ILE C 93 2.41 21.27 7.28
N TRP C 94 2.47 21.76 8.52
CA TRP C 94 2.02 20.98 9.67
C TRP C 94 0.51 20.83 9.57
N THR C 95 0.00 19.66 9.93
CA THR C 95 -1.44 19.46 9.99
C THR C 95 -1.78 18.79 11.30
N PRO C 96 -2.98 19.07 11.84
CA PRO C 96 -3.36 18.44 13.11
C PRO C 96 -3.68 16.95 12.95
N ASP C 97 -3.49 16.20 14.02
CA ASP C 97 -3.63 14.74 14.00
C ASP C 97 -5.05 14.29 14.39
N ILE C 98 -6.03 14.84 13.70
CA ILE C 98 -7.42 14.59 14.01
C ILE C 98 -7.81 13.23 13.49
N THR C 99 -8.39 12.45 14.38
CA THR C 99 -8.62 11.01 14.23
C THR C 99 -9.99 10.66 14.75
N ALA C 100 -10.69 9.72 14.08
CA ALA C 100 -11.86 9.08 14.67
C ALA C 100 -11.39 8.16 15.77
N TYR C 101 -12.07 8.14 16.90
CA TYR C 101 -11.61 7.32 18.00
C TYR C 101 -12.15 5.89 18.00
N SER C 102 -13.08 5.56 17.12
CA SER C 102 -13.67 4.24 17.09
C SER C 102 -13.77 3.70 15.66
N SER C 103 -12.82 4.07 14.82
CA SER C 103 -12.74 3.46 13.48
C SER C 103 -12.42 1.98 13.62
N THR C 104 -12.84 1.19 12.63
CA THR C 104 -12.52 -0.24 12.60
C THR C 104 -11.66 -0.64 11.42
N ARG C 105 -11.35 0.32 10.56
CA ARG C 105 -10.46 0.15 9.39
C ARG C 105 -9.72 1.47 9.18
N PRO C 106 -8.55 1.41 8.55
CA PRO C 106 -7.87 2.69 8.32
C PRO C 106 -8.78 3.60 7.45
N VAL C 107 -8.84 4.86 7.81
CA VAL C 107 -9.68 5.82 7.05
C VAL C 107 -9.15 5.96 5.63
N GLN C 108 -10.05 6.07 4.66
CA GLN C 108 -9.63 6.18 3.27
C GLN C 108 -9.87 7.58 2.77
N VAL C 109 -8.85 8.21 2.22
CA VAL C 109 -8.99 9.57 1.69
C VAL C 109 -9.44 9.55 0.24
N LEU C 110 -10.43 10.36 -0.06
CA LEU C 110 -11.08 10.35 -1.37
C LEU C 110 -10.80 11.61 -2.16
N SER C 111 -10.11 12.57 -1.58
CA SER C 111 -9.87 13.85 -2.27
C SER C 111 -8.39 14.15 -2.29
N PRO C 112 -7.97 15.10 -3.14
CA PRO C 112 -6.58 15.58 -3.07
C PRO C 112 -6.25 16.14 -1.69
N GLN C 113 -5.02 16.03 -1.22
CA GLN C 113 -4.66 16.57 0.07
C GLN C 113 -3.90 17.87 -0.15
N ILE C 114 -4.73 18.91 -0.29
CA ILE C 114 -4.32 20.26 -0.64
C ILE C 114 -4.99 21.23 0.33
N ALA C 115 -4.19 22.10 0.95
CA ALA C 115 -4.69 23.10 1.87
C ALA C 115 -4.64 24.47 1.22
N VAL C 116 -5.50 25.36 1.72
CA VAL C 116 -5.47 26.76 1.32
C VAL C 116 -4.94 27.59 2.48
N VAL C 117 -3.85 28.31 2.21
CA VAL C 117 -3.23 29.16 3.22
C VAL C 117 -3.48 30.63 2.86
N THR C 118 -3.93 31.41 3.84
CA THR C 118 -4.25 32.83 3.65
C THR C 118 -3.23 33.69 4.41
N HIS C 119 -3.01 34.90 3.91
CA HIS C 119 -1.90 35.76 4.37
C HIS C 119 -1.94 36.11 5.86
N ASP C 120 -3.11 36.00 6.49
CA ASP C 120 -3.20 36.16 7.94
C ASP C 120 -2.71 34.91 8.70
N GLY C 121 -2.19 33.92 7.97
CA GLY C 121 -1.67 32.70 8.57
C GLY C 121 -2.69 31.59 8.78
N SER C 122 -3.93 31.83 8.37
CA SER C 122 -4.97 30.83 8.56
C SER C 122 -4.91 29.76 7.46
N VAL C 123 -5.24 28.53 7.84
CA VAL C 123 -5.16 27.38 6.95
C VAL C 123 -6.54 26.73 6.92
N MET C 124 -6.99 26.34 5.74
CA MET C 124 -8.21 25.57 5.61
C MET C 124 -7.93 24.31 4.79
N PHE C 125 -8.37 23.18 5.31
CA PHE C 125 -8.05 21.86 4.77
C PHE C 125 -9.30 21.02 4.87
N ILE C 126 -9.75 20.45 3.76
CA ILE C 126 -11.06 19.81 3.75
C ILE C 126 -10.99 18.47 3.04
N PRO C 127 -10.45 17.47 3.73
CA PRO C 127 -10.42 16.16 3.08
C PRO C 127 -11.79 15.44 3.06
N ALA C 128 -12.12 14.81 1.94
CA ALA C 128 -13.20 13.82 1.90
C ALA C 128 -12.64 12.44 2.31
N GLN C 129 -13.40 11.73 3.11
CA GLN C 129 -12.96 10.45 3.70
C GLN C 129 -14.08 9.43 3.67
N ARG C 130 -13.71 8.15 3.59
CA ARG C 130 -14.63 7.06 3.85
C ARG C 130 -14.13 6.36 5.11
N LEU C 131 -15.03 6.23 6.07
CA LEU C 131 -14.74 5.70 7.40
C LEU C 131 -15.65 4.53 7.77
N SER C 132 -15.07 3.42 8.21
CA SER C 132 -15.82 2.35 8.89
C SER C 132 -15.67 2.54 10.40
N PHE C 133 -16.78 2.50 11.13
CA PHE C 133 -16.68 2.73 12.56
C PHE C 133 -17.72 1.90 13.31
N MET C 134 -17.52 1.82 14.61
CA MET C 134 -18.31 0.97 15.47
C MET C 134 -19.70 1.53 15.64
N CYS C 135 -20.68 0.75 15.21
CA CYS C 135 -22.04 1.20 15.17
C CYS C 135 -22.99 0.02 15.01
N ASP C 136 -23.93 -0.07 15.93
CA ASP C 136 -24.97 -1.10 15.94
C ASP C 136 -26.19 -0.61 15.18
N PRO C 137 -26.46 -1.20 14.01
CA PRO C 137 -27.56 -0.61 13.23
C PRO C 137 -28.96 -1.14 13.58
N THR C 138 -29.12 -1.81 14.72
CA THR C 138 -30.46 -2.27 15.13
C THR C 138 -31.45 -1.14 15.14
N GLY C 139 -32.60 -1.40 14.55
CA GLY C 139 -33.65 -0.40 14.48
C GLY C 139 -33.60 0.42 13.20
N VAL C 140 -32.62 0.19 12.35
CA VAL C 140 -32.51 0.95 11.11
C VAL C 140 -33.72 0.62 10.18
N ASP C 141 -34.30 -0.56 10.33
CA ASP C 141 -35.48 -0.96 9.55
C ASP C 141 -36.81 -0.60 10.22
N SER C 142 -36.78 0.43 11.05
CA SER C 142 -37.98 0.91 11.73
C SER C 142 -38.12 2.40 11.52
N GLU C 143 -39.24 2.97 11.95
CA GLU C 143 -39.50 4.39 11.77
C GLU C 143 -38.57 5.26 12.61
N GLU C 144 -38.21 4.80 13.81
CA GLU C 144 -37.37 5.60 14.71
C GLU C 144 -35.88 5.49 14.35
N GLY C 145 -35.53 4.45 13.62
CA GLY C 145 -34.18 4.33 13.08
C GLY C 145 -33.15 3.86 14.07
N ALA C 146 -31.90 3.87 13.62
CA ALA C 146 -30.74 3.54 14.45
C ALA C 146 -30.04 4.83 14.84
N THR C 147 -29.28 4.80 15.93
CA THR C 147 -28.47 5.92 16.34
C THR C 147 -27.06 5.46 16.56
N CYS C 148 -26.10 6.15 15.96
CA CYS C 148 -24.71 5.85 16.20
C CYS C 148 -23.92 7.10 16.43
N ALA C 149 -22.74 6.93 17.05
CA ALA C 149 -21.89 8.03 17.44
C ALA C 149 -20.42 7.71 17.19
N VAL C 150 -19.64 8.72 16.80
CA VAL C 150 -18.20 8.56 16.68
C VAL C 150 -17.52 9.86 17.06
N LYS C 151 -16.51 9.75 17.91
CA LYS C 151 -15.73 10.88 18.36
C LYS C 151 -14.55 11.16 17.45
N PHE C 152 -14.29 12.45 17.26
CA PHE C 152 -13.15 12.92 16.52
C PHE C 152 -12.34 13.84 17.41
N GLY C 153 -11.03 13.65 17.44
CA GLY C 153 -10.14 14.52 18.18
C GLY C 153 -8.69 14.26 17.88
N SER C 154 -7.80 14.98 18.57
CA SER C 154 -6.39 14.74 18.45
C SER C 154 -6.09 13.36 19.04
N TRP C 155 -5.16 12.64 18.45
CA TRP C 155 -4.71 11.39 19.08
C TRP C 155 -3.81 11.71 20.30
N VAL C 156 -2.89 12.66 20.17
CA VAL C 156 -1.82 12.83 21.16
C VAL C 156 -1.80 14.16 21.91
N TYR C 157 -2.57 15.14 21.46
CA TYR C 157 -2.55 16.47 22.07
C TYR C 157 -3.76 16.68 23.00
N SER C 158 -3.49 17.09 24.24
CA SER C 158 -4.54 17.38 25.20
C SER C 158 -5.18 18.73 24.92
N GLY C 159 -6.25 19.03 25.65
CA GLY C 159 -6.93 20.30 25.60
C GLY C 159 -6.05 21.51 25.86
N PHE C 160 -4.94 21.29 26.55
CA PHE C 160 -4.00 22.36 26.85
C PHE C 160 -3.08 22.66 25.69
N GLU C 161 -3.06 21.78 24.69
CA GLU C 161 -2.24 21.96 23.48
C GLU C 161 -3.08 22.28 22.23
N ILE C 162 -4.18 21.55 22.05
CA ILE C 162 -5.12 21.82 20.97
C ILE C 162 -6.50 22.01 21.58
N ASP C 163 -7.02 23.21 21.42
CA ASP C 163 -8.38 23.52 21.77
C ASP C 163 -9.26 23.25 20.54
N LEU C 164 -10.26 22.39 20.69
CA LEU C 164 -11.09 21.95 19.59
C LEU C 164 -12.40 22.70 19.63
N LYS C 165 -12.73 23.38 18.54
CA LYS C 165 -13.93 24.20 18.45
C LYS C 165 -14.77 23.77 17.24
N THR C 166 -16.02 24.21 17.20
CA THR C 166 -16.90 24.05 16.04
C THR C 166 -17.55 25.40 15.73
N ASP C 167 -18.14 25.53 14.55
CA ASP C 167 -18.87 26.76 14.17
C ASP C 167 -20.37 26.55 14.33
N THR C 168 -20.78 25.32 14.55
CA THR C 168 -22.18 24.93 14.57
C THR C 168 -22.29 23.59 15.26
N ASP C 169 -23.47 23.33 15.85
CA ASP C 169 -23.76 22.06 16.51
C ASP C 169 -24.43 21.07 15.56
N GLN C 170 -24.74 21.49 14.34
CA GLN C 170 -25.42 20.64 13.39
C GLN C 170 -24.44 20.23 12.29
N VAL C 171 -24.48 18.96 11.94
CA VAL C 171 -23.78 18.44 10.77
C VAL C 171 -24.44 18.96 9.49
N ASP C 172 -23.63 19.39 8.55
CA ASP C 172 -24.15 19.88 7.24
C ASP C 172 -24.67 18.72 6.38
N LEU C 173 -26.00 18.69 6.13
CA LEU C 173 -26.63 17.65 5.31
C LEU C 173 -27.04 18.11 3.93
N SER C 174 -26.59 19.30 3.55
CA SER C 174 -27.06 19.92 2.32
C SER C 174 -26.49 19.23 1.08
N SER C 175 -25.47 18.37 1.27
CA SER C 175 -24.94 17.59 0.17
C SER C 175 -25.14 16.09 0.35
N TYR C 176 -26.04 15.71 1.26
CA TYR C 176 -26.27 14.30 1.50
C TYR C 176 -26.93 13.68 0.27
N TYR C 177 -26.43 12.52 -0.10
CA TYR C 177 -26.89 11.80 -1.27
C TYR C 177 -28.37 11.40 -1.17
N ALA C 178 -29.17 11.89 -2.10
CA ALA C 178 -30.62 11.81 -1.93
C ALA C 178 -31.14 10.43 -2.28
N SER C 179 -30.37 9.64 -3.02
CA SER C 179 -30.78 8.26 -3.29
C SER C 179 -29.92 7.21 -2.52
N SER C 180 -29.36 7.63 -1.40
CA SER C 180 -28.69 6.72 -0.46
C SER C 180 -29.64 5.65 0.03
N LYS C 181 -29.11 4.48 0.38
CA LYS C 181 -29.91 3.43 0.99
C LYS C 181 -30.45 3.87 2.35
N TYR C 182 -29.83 4.88 2.93
CA TYR C 182 -30.18 5.31 4.27
C TYR C 182 -30.57 6.77 4.27
N GLU C 183 -31.64 7.12 4.97
CA GLU C 183 -31.95 8.54 5.15
C GLU C 183 -31.58 8.99 6.54
N ILE C 184 -31.21 10.26 6.62
CA ILE C 184 -30.74 10.86 7.84
C ILE C 184 -31.91 11.56 8.54
N LEU C 185 -32.15 11.17 9.80
CA LEU C 185 -33.20 11.74 10.63
C LEU C 185 -32.66 12.92 11.42
N SER C 186 -31.43 12.79 11.90
CA SER C 186 -30.68 13.90 12.48
C SER C 186 -29.18 13.64 12.51
N ALA C 187 -28.40 14.71 12.59
CA ALA C 187 -26.94 14.62 12.66
C ALA C 187 -26.37 15.85 13.38
N THR C 188 -25.81 15.60 14.56
CA THR C 188 -25.22 16.64 15.38
C THR C 188 -23.73 16.43 15.61
N GLN C 189 -23.05 17.53 15.98
CA GLN C 189 -21.61 17.53 16.21
C GLN C 189 -21.21 18.38 17.44
N TYR C 190 -21.73 17.99 18.59
CA TYR C 190 -21.36 18.59 19.89
C TYR C 190 -19.95 18.31 20.39
N LYS C 191 -19.45 19.26 21.17
CA LYS C 191 -18.10 19.17 21.71
C LYS C 191 -18.17 18.48 23.09
N HIS C 192 -17.16 17.66 23.39
CA HIS C 192 -17.06 17.02 24.70
C HIS C 192 -15.63 17.00 25.20
N ASP C 193 -15.45 16.76 26.51
CA ASP C 193 -14.13 16.66 27.11
C ASP C 193 -14.07 15.37 27.94
N ILE C 194 -13.05 14.57 27.74
CA ILE C 194 -12.98 13.23 28.31
C ILE C 194 -11.60 12.94 28.86
N LYS C 195 -11.54 12.35 30.06
CA LYS C 195 -10.29 11.81 30.57
C LYS C 195 -10.24 10.33 30.24
N TYR C 196 -9.11 9.88 29.71
CA TYR C 196 -8.95 8.47 29.33
C TYR C 196 -8.01 7.81 30.36
N ASN C 197 -8.10 6.50 30.53
CA ASN C 197 -7.34 5.87 31.61
C ASN C 197 -5.83 5.89 31.41
N CYS C 198 -5.38 5.94 30.16
CA CYS C 198 -3.96 5.94 29.91
C CYS C 198 -3.29 7.18 30.48
N CYS C 199 -4.01 8.30 30.52
CA CYS C 199 -3.34 9.59 30.62
C CYS C 199 -3.99 10.57 31.62
N GLU C 200 -3.19 11.54 32.06
CA GLU C 200 -3.60 12.43 33.13
C GLU C 200 -4.47 13.56 32.60
N GLU C 201 -4.21 14.02 31.38
CA GLU C 201 -4.85 15.23 30.85
C GLU C 201 -6.24 14.96 30.25
N ILE C 202 -7.04 16.01 30.10
CA ILE C 202 -8.38 15.88 29.55
C ILE C 202 -8.29 16.18 28.04
N TYR C 203 -9.01 15.39 27.24
CA TYR C 203 -8.95 15.47 25.78
C TYR C 203 -10.30 15.90 25.18
N PRO C 204 -10.32 17.05 24.47
CA PRO C 204 -11.59 17.46 23.87
C PRO C 204 -11.91 16.63 22.63
N ASP C 205 -13.18 16.51 22.29
CA ASP C 205 -13.54 15.89 21.02
C ASP C 205 -14.76 16.58 20.41
N VAL C 206 -15.00 16.27 19.15
CA VAL C 206 -16.27 16.51 18.52
C VAL C 206 -16.94 15.19 18.24
N VAL C 207 -18.14 15.01 18.79
CA VAL C 207 -18.90 13.78 18.62
C VAL C 207 -19.98 13.93 17.59
N LEU C 208 -19.80 13.17 16.53
CA LEU C 208 -20.80 13.05 15.48
C LEU C 208 -21.84 12.05 15.95
N VAL C 209 -23.06 12.51 16.19
CA VAL C 209 -24.20 11.62 16.49
C VAL C 209 -25.20 11.61 15.33
N VAL C 210 -25.38 10.44 14.71
CA VAL C 210 -26.27 10.34 13.56
C VAL C 210 -27.41 9.35 13.79
N LYS C 211 -28.63 9.82 13.55
CA LYS C 211 -29.82 8.97 13.53
C LYS C 211 -30.26 8.74 12.10
N PHE C 212 -30.44 7.48 11.74
CA PHE C 212 -30.70 7.14 10.37
C PHE C 212 -31.58 5.93 10.26
N ARG C 213 -32.15 5.75 9.07
CA ARG C 213 -33.00 4.60 8.81
C ARG C 213 -32.99 4.26 7.35
N GLU C 214 -33.42 3.04 7.04
CA GLU C 214 -33.44 2.56 5.67
C GLU C 214 -34.46 3.39 4.89
N LEU D 8 22.68 8.67 -30.01
CA LEU D 8 23.49 8.99 -28.83
C LEU D 8 23.37 10.47 -28.54
N HIS D 9 23.39 11.26 -29.61
CA HIS D 9 23.27 12.71 -29.52
C HIS D 9 21.82 13.05 -29.15
N SER D 10 20.87 12.30 -29.70
CA SER D 10 19.47 12.60 -29.46
C SER D 10 19.14 12.34 -28.00
N GLN D 11 19.78 11.32 -27.40
CA GLN D 11 19.61 11.05 -25.98
C GLN D 11 20.14 12.19 -25.11
N ALA D 12 21.32 12.68 -25.45
CA ALA D 12 21.93 13.75 -24.68
C ALA D 12 21.10 15.03 -24.78
N ASN D 13 20.49 15.27 -25.95
CA ASN D 13 19.65 16.44 -26.12
C ASN D 13 18.38 16.32 -25.26
N LEU D 14 17.82 15.12 -25.22
CA LEU D 14 16.60 14.90 -24.44
C LEU D 14 16.88 15.05 -22.95
N MET D 15 17.95 14.40 -22.47
CA MET D 15 18.39 14.56 -21.10
C MET D 15 18.67 16.03 -20.77
N ARG D 16 19.19 16.78 -21.75
CA ARG D 16 19.52 18.19 -21.56
C ARG D 16 18.27 19.06 -21.52
N LEU D 17 17.31 18.73 -22.35
CA LEU D 17 16.01 19.39 -22.33
C LEU D 17 15.35 19.28 -20.95
N LYS D 18 15.29 18.05 -20.45
CA LYS D 18 14.59 17.78 -19.20
C LYS D 18 15.27 18.49 -18.04
N SER D 19 16.60 18.48 -18.05
CA SER D 19 17.36 19.15 -17.02
C SER D 19 17.03 20.64 -17.02
N ASP D 20 17.04 21.26 -18.20
CA ASP D 20 16.74 22.68 -18.32
C ASP D 20 15.34 23.06 -17.85
N LEU D 21 14.41 22.11 -17.95
CA LEU D 21 13.01 22.36 -17.61
C LEU D 21 12.71 22.12 -16.14
N PHE D 22 13.34 21.10 -15.56
CA PHE D 22 13.06 20.69 -14.20
C PHE D 22 14.26 21.02 -13.30
N TYR D 28 6.82 24.41 -10.41
CA TYR D 28 5.61 25.15 -10.80
C TYR D 28 4.63 25.14 -9.64
N PRO D 29 4.20 26.32 -9.18
CA PRO D 29 3.38 26.36 -7.97
C PRO D 29 1.89 26.23 -8.22
N GLY D 30 1.49 25.91 -9.44
CA GLY D 30 0.08 25.78 -9.74
C GLY D 30 -0.48 27.10 -10.24
N PRO D 31 -1.67 27.06 -10.84
CA PRO D 31 -2.30 28.27 -11.38
C PRO D 31 -2.80 29.24 -10.32
N THR D 32 -2.97 30.50 -10.72
CA THR D 32 -3.55 31.54 -9.88
C THR D 32 -4.51 32.38 -10.69
N LYS D 33 -5.19 33.33 -10.04
CA LYS D 33 -6.07 34.27 -10.76
C LYS D 33 -5.27 35.03 -11.82
N ASP D 34 -4.02 35.35 -11.51
CA ASP D 34 -3.14 36.11 -12.41
C ASP D 34 -2.50 35.24 -13.47
N ASP D 35 -2.49 33.94 -13.24
CA ASP D 35 -1.85 32.97 -14.13
C ASP D 35 -2.72 31.72 -14.25
N PRO D 36 -3.86 31.84 -14.96
CA PRO D 36 -4.86 30.75 -14.94
C PRO D 36 -4.63 29.72 -16.02
N LEU D 37 -5.28 28.58 -15.85
CA LEU D 37 -5.06 27.45 -16.71
C LEU D 37 -6.39 26.87 -17.17
N THR D 38 -6.42 26.30 -18.36
CA THR D 38 -7.59 25.56 -18.80
C THR D 38 -7.26 24.09 -18.93
N VAL D 39 -8.08 23.25 -18.30
CA VAL D 39 -7.90 21.79 -18.44
C VAL D 39 -9.01 21.26 -19.30
N THR D 40 -8.64 20.58 -20.38
CA THR D 40 -9.61 19.92 -21.25
C THR D 40 -9.73 18.48 -20.75
N LEU D 41 -10.97 18.04 -20.54
CA LEU D 41 -11.31 16.73 -19.96
C LEU D 41 -12.18 15.96 -20.91
N GLY D 42 -11.94 14.66 -21.01
CA GLY D 42 -12.86 13.77 -21.69
C GLY D 42 -12.77 12.36 -21.14
N PHE D 43 -13.88 11.63 -21.20
CA PHE D 43 -13.97 10.28 -20.73
C PHE D 43 -14.19 9.29 -21.85
N THR D 44 -13.48 8.17 -21.74
CA THR D 44 -13.70 6.96 -22.53
C THR D 44 -14.17 5.89 -21.56
N LEU D 45 -15.42 5.46 -21.70
CA LEU D 45 -15.99 4.52 -20.74
C LEU D 45 -15.78 3.10 -21.26
N GLN D 46 -15.01 2.32 -20.51
CA GLN D 46 -14.67 0.94 -20.91
C GLN D 46 -15.63 -0.09 -20.36
N ASP D 47 -16.10 0.10 -19.15
CA ASP D 47 -16.93 -0.93 -18.54
C ASP D 47 -17.70 -0.41 -17.35
N ILE D 48 -18.94 -0.86 -17.23
CA ILE D 48 -19.64 -0.79 -15.95
C ILE D 48 -19.46 -2.18 -15.38
N VAL D 49 -18.64 -2.27 -14.34
CA VAL D 49 -18.27 -3.58 -13.79
C VAL D 49 -19.34 -4.15 -12.87
N LYS D 50 -19.76 -3.34 -11.91
CA LYS D 50 -20.66 -3.78 -10.89
C LYS D 50 -21.66 -2.71 -10.54
N ALA D 51 -22.92 -3.10 -10.34
CA ALA D 51 -23.93 -2.21 -9.78
C ALA D 51 -24.48 -2.84 -8.49
N ASP D 52 -24.22 -2.21 -7.35
CA ASP D 52 -24.50 -2.83 -6.04
C ASP D 52 -25.74 -2.20 -5.41
N SER D 53 -26.85 -2.91 -5.46
CA SER D 53 -28.11 -2.37 -4.95
C SER D 53 -28.20 -2.46 -3.44
N SER D 54 -27.31 -3.19 -2.78
CA SER D 54 -27.32 -3.21 -1.32
C SER D 54 -26.64 -1.99 -0.73
N THR D 55 -25.79 -1.30 -1.49
CA THR D 55 -25.11 -0.10 -0.98
C THR D 55 -25.32 1.17 -1.83
N ASN D 56 -25.90 0.98 -3.00
CA ASN D 56 -26.07 2.03 -4.01
C ASN D 56 -24.71 2.65 -4.35
N GLU D 57 -23.87 1.77 -4.86
CA GLU D 57 -22.57 2.10 -5.42
C GLU D 57 -22.47 1.44 -6.76
N VAL D 58 -21.94 2.15 -7.74
CA VAL D 58 -21.65 1.56 -9.02
C VAL D 58 -20.16 1.75 -9.30
N ASP D 59 -19.60 0.74 -9.96
CA ASP D 59 -18.18 0.70 -10.31
C ASP D 59 -17.96 0.83 -11.82
N LEU D 60 -17.23 1.89 -12.20
CA LEU D 60 -16.89 2.12 -13.59
C LEU D 60 -15.40 1.99 -13.82
N VAL D 61 -15.05 1.53 -15.01
CA VAL D 61 -13.69 1.63 -15.53
C VAL D 61 -13.70 2.56 -16.74
N TYR D 62 -12.83 3.55 -16.72
CA TYR D 62 -12.77 4.53 -17.80
C TYR D 62 -11.34 5.03 -17.98
N TRP D 63 -11.11 5.72 -19.09
CA TRP D 63 -9.88 6.47 -19.31
C TRP D 63 -10.25 7.94 -19.23
N GLU D 64 -9.50 8.69 -18.44
CA GLU D 64 -9.77 10.11 -18.21
C GLU D 64 -8.70 10.94 -18.89
N GLN D 65 -9.04 11.53 -20.04
CA GLN D 65 -8.07 12.32 -20.78
C GLN D 65 -8.00 13.72 -20.21
N GLN D 66 -6.79 14.15 -19.86
CA GLN D 66 -6.53 15.48 -19.33
C GLN D 66 -5.50 16.18 -20.18
N ARG D 67 -5.79 17.43 -20.59
CA ARG D 67 -4.86 18.23 -21.39
C ARG D 67 -4.82 19.64 -20.83
N TRP D 68 -3.62 20.16 -20.66
CA TRP D 68 -3.40 21.56 -20.26
C TRP D 68 -2.10 22.08 -20.87
N LYS D 69 -1.83 23.37 -20.67
CA LYS D 69 -0.68 24.01 -21.32
C LYS D 69 -0.04 25.01 -20.36
N LEU D 70 1.25 24.86 -20.14
CA LEU D 70 2.05 25.75 -19.29
C LEU D 70 3.12 26.44 -20.13
N ASN D 71 3.23 27.76 -20.00
CA ASN D 71 4.31 28.48 -20.66
C ASN D 71 5.66 28.02 -20.13
N SER D 72 5.71 27.64 -18.86
CA SER D 72 6.98 27.21 -18.25
C SER D 72 7.48 25.86 -18.77
N LEU D 73 6.70 25.20 -19.62
CA LEU D 73 7.13 23.93 -20.25
C LEU D 73 7.44 24.06 -21.75
N MET D 74 7.49 25.31 -22.24
CA MET D 74 7.80 25.56 -23.66
C MET D 74 9.31 25.49 -23.92
N TRP D 75 9.66 25.08 -25.14
CA TRP D 75 11.04 25.12 -25.60
C TRP D 75 11.05 25.21 -27.13
N ASP D 76 12.15 25.73 -27.66
CA ASP D 76 12.38 25.76 -29.11
C ASP D 76 13.01 24.44 -29.52
N PRO D 77 12.31 23.63 -30.34
CA PRO D 77 12.94 22.36 -30.73
C PRO D 77 14.34 22.53 -31.37
N ASN D 78 14.56 23.63 -32.07
CA ASN D 78 15.84 23.86 -32.74
C ASN D 78 17.00 24.05 -31.77
N GLU D 79 16.69 24.37 -30.52
CA GLU D 79 17.71 24.49 -29.49
C GLU D 79 17.95 23.15 -28.79
N TYR D 80 17.24 22.09 -29.21
CA TYR D 80 17.33 20.77 -28.56
C TYR D 80 17.22 19.60 -29.53
N GLY D 81 17.96 19.65 -30.63
CA GLY D 81 18.02 18.55 -31.58
C GLY D 81 16.72 18.23 -32.31
N ASN D 82 15.88 19.25 -32.49
CA ASN D 82 14.58 19.10 -33.16
C ASN D 82 13.59 18.21 -32.35
N ILE D 83 13.86 18.02 -31.07
CA ILE D 83 12.91 17.33 -30.18
C ILE D 83 11.60 18.11 -30.07
N THR D 84 10.49 17.45 -30.33
CA THR D 84 9.18 18.10 -30.28
C THR D 84 8.32 17.70 -29.08
N ASP D 85 8.64 16.57 -28.46
CA ASP D 85 7.87 16.11 -27.29
C ASP D 85 8.69 15.11 -26.49
N PHE D 86 8.22 14.79 -25.29
CA PHE D 86 8.82 13.71 -24.52
C PHE D 86 7.85 13.13 -23.51
N ARG D 87 8.17 11.90 -23.08
CA ARG D 87 7.44 11.24 -22.01
C ARG D 87 8.12 11.47 -20.67
N THR D 88 7.33 11.66 -19.63
CA THR D 88 7.87 11.82 -18.30
C THR D 88 6.92 11.29 -17.22
N SER D 89 7.47 10.89 -16.08
CA SER D 89 6.65 10.50 -14.94
C SER D 89 5.69 11.64 -14.56
N ALA D 90 4.41 11.30 -14.39
CA ALA D 90 3.44 12.29 -13.92
C ALA D 90 3.90 12.95 -12.61
N ALA D 91 4.75 12.27 -11.84
CA ALA D 91 5.28 12.84 -10.59
C ALA D 91 6.37 13.89 -10.85
N ASP D 92 6.92 13.93 -12.06
CA ASP D 92 7.92 14.92 -12.42
C ASP D 92 7.29 16.28 -12.77
N ILE D 93 5.97 16.31 -12.87
CA ILE D 93 5.29 17.57 -13.25
C ILE D 93 4.08 17.87 -12.39
N TRP D 94 3.65 19.11 -12.46
CA TRP D 94 2.40 19.50 -11.83
C TRP D 94 1.27 18.85 -12.59
N THR D 95 0.28 18.35 -11.86
CA THR D 95 -0.92 17.81 -12.50
C THR D 95 -2.15 18.38 -11.80
N PRO D 96 -3.23 18.55 -12.56
CA PRO D 96 -4.45 19.13 -11.96
C PRO D 96 -5.18 18.19 -11.01
N ASP D 97 -5.85 18.79 -10.03
CA ASP D 97 -6.48 18.07 -8.94
C ASP D 97 -7.92 17.73 -9.27
N ILE D 98 -8.13 17.21 -10.47
CA ILE D 98 -9.45 16.84 -10.94
C ILE D 98 -9.93 15.60 -10.17
N THR D 99 -11.11 15.74 -9.56
CA THR D 99 -11.63 14.75 -8.60
C THR D 99 -13.09 14.47 -8.85
N ALA D 100 -13.49 13.20 -8.71
CA ALA D 100 -14.90 12.86 -8.69
C ALA D 100 -15.49 13.37 -7.36
N TYR D 101 -16.65 14.02 -7.40
CA TYR D 101 -17.15 14.65 -6.18
C TYR D 101 -18.02 13.73 -5.34
N SER D 102 -18.31 12.53 -5.83
CA SER D 102 -19.15 11.60 -5.08
C SER D 102 -18.62 10.15 -5.13
N SER D 103 -17.31 9.99 -5.15
CA SER D 103 -16.68 8.68 -5.04
C SER D 103 -16.98 8.12 -3.64
N THR D 104 -16.92 6.79 -3.50
CA THR D 104 -17.11 6.15 -2.20
C THR D 104 -15.89 5.33 -1.79
N ARG D 105 -14.91 5.21 -2.68
CA ARG D 105 -13.63 4.54 -2.42
C ARG D 105 -12.52 5.31 -3.13
N PRO D 106 -11.29 5.18 -2.66
CA PRO D 106 -10.21 5.81 -3.40
C PRO D 106 -10.19 5.28 -4.82
N VAL D 107 -9.95 6.13 -5.79
CA VAL D 107 -9.85 5.66 -7.16
C VAL D 107 -8.65 4.69 -7.30
N GLN D 108 -8.82 3.66 -8.10
CA GLN D 108 -7.72 2.75 -8.38
C GLN D 108 -7.17 3.06 -9.75
N VAL D 109 -5.86 3.26 -9.81
CA VAL D 109 -5.18 3.60 -11.05
C VAL D 109 -4.77 2.33 -11.79
N LEU D 110 -5.14 2.23 -13.06
CA LEU D 110 -4.97 0.99 -13.81
C LEU D 110 -3.89 1.06 -14.88
N SER D 111 -3.36 2.24 -15.10
CA SER D 111 -2.32 2.46 -16.12
C SER D 111 -1.09 3.13 -15.51
N PRO D 112 0.05 3.07 -16.23
CA PRO D 112 1.29 3.74 -15.85
C PRO D 112 1.10 5.23 -15.71
N GLN D 113 1.69 5.84 -14.69
CA GLN D 113 1.53 7.27 -14.45
C GLN D 113 2.57 8.10 -15.23
N ILE D 114 2.32 8.23 -16.53
CA ILE D 114 3.25 8.87 -17.47
C ILE D 114 2.49 9.87 -18.32
N ALA D 115 3.08 11.05 -18.51
CA ALA D 115 2.48 12.13 -19.29
C ALA D 115 3.38 12.41 -20.47
N VAL D 116 2.82 13.04 -21.49
CA VAL D 116 3.58 13.46 -22.66
C VAL D 116 3.58 14.97 -22.70
N VAL D 117 4.76 15.56 -22.74
CA VAL D 117 4.89 17.02 -22.82
C VAL D 117 5.34 17.37 -24.24
N THR D 118 4.72 18.40 -24.81
CA THR D 118 5.05 18.83 -26.18
C THR D 118 5.63 20.26 -26.13
N HIS D 119 6.41 20.63 -27.14
CA HIS D 119 7.27 21.82 -27.07
C HIS D 119 6.48 23.13 -26.98
N ASP D 120 5.21 23.10 -27.35
CA ASP D 120 4.31 24.26 -27.12
C ASP D 120 3.88 24.39 -25.64
N GLY D 121 4.40 23.51 -24.80
CA GLY D 121 4.06 23.51 -23.39
C GLY D 121 2.80 22.75 -23.02
N SER D 122 2.18 22.07 -23.99
CA SER D 122 1.00 21.28 -23.72
C SER D 122 1.40 19.95 -23.09
N VAL D 123 0.54 19.48 -22.18
CA VAL D 123 0.75 18.22 -21.47
C VAL D 123 -0.49 17.37 -21.76
N MET D 124 -0.28 16.09 -22.00
CA MET D 124 -1.39 15.16 -22.16
C MET D 124 -1.20 14.03 -21.15
N PHE D 125 -2.26 13.72 -20.42
CA PHE D 125 -2.20 12.71 -19.36
C PHE D 125 -3.51 11.92 -19.41
N ILE D 126 -3.42 10.59 -19.56
CA ILE D 126 -4.63 9.79 -19.72
C ILE D 126 -4.63 8.57 -18.78
N PRO D 127 -4.93 8.82 -17.51
CA PRO D 127 -4.99 7.67 -16.57
C PRO D 127 -6.23 6.81 -16.76
N ALA D 128 -6.03 5.50 -16.81
CA ALA D 128 -7.14 4.58 -16.70
C ALA D 128 -7.41 4.35 -15.21
N GLN D 129 -8.69 4.35 -14.86
CA GLN D 129 -9.14 4.36 -13.48
C GLN D 129 -10.35 3.43 -13.28
N ARG D 130 -10.43 2.82 -12.10
CA ARG D 130 -11.67 2.19 -11.60
C ARG D 130 -12.20 3.05 -10.46
N LEU D 131 -13.44 3.47 -10.62
CA LEU D 131 -14.10 4.38 -9.68
C LEU D 131 -15.37 3.74 -9.12
N SER D 132 -15.52 3.74 -7.79
CA SER D 132 -16.80 3.42 -7.15
C SER D 132 -17.43 4.74 -6.81
N PHE D 133 -18.69 4.94 -7.17
CA PHE D 133 -19.35 6.19 -6.82
C PHE D 133 -20.82 5.94 -6.45
N MET D 134 -21.41 6.97 -5.86
CA MET D 134 -22.78 6.91 -5.34
C MET D 134 -23.81 6.84 -6.48
N CYS D 135 -24.62 5.79 -6.48
CA CYS D 135 -25.52 5.54 -7.58
C CYS D 135 -26.54 4.48 -7.19
N ASP D 136 -27.82 4.86 -7.28
CA ASP D 136 -28.93 3.94 -7.06
C ASP D 136 -29.28 3.23 -8.38
N PRO D 137 -29.04 1.91 -8.45
CA PRO D 137 -29.23 1.24 -9.75
C PRO D 137 -30.67 0.74 -9.99
N THR D 138 -31.61 1.25 -9.21
CA THR D 138 -33.02 0.88 -9.39
C THR D 138 -33.41 1.12 -10.86
N GLY D 139 -33.95 0.08 -11.50
CA GLY D 139 -34.40 0.21 -12.88
C GLY D 139 -33.48 -0.47 -13.87
N VAL D 140 -32.30 -0.88 -13.39
CA VAL D 140 -31.29 -1.44 -14.28
C VAL D 140 -31.81 -2.72 -14.94
N ASP D 141 -32.74 -3.39 -14.25
CA ASP D 141 -33.34 -4.63 -14.75
C ASP D 141 -34.63 -4.41 -15.54
N SER D 142 -34.71 -3.24 -16.18
CA SER D 142 -35.88 -2.83 -16.97
C SER D 142 -35.44 -2.27 -18.32
N GLU D 143 -36.40 -2.00 -19.19
CA GLU D 143 -36.11 -1.52 -20.54
C GLU D 143 -35.50 -0.13 -20.52
N GLU D 144 -36.03 0.71 -19.64
CA GLU D 144 -35.61 2.10 -19.49
C GLU D 144 -34.25 2.25 -18.82
N GLY D 145 -33.86 1.25 -18.05
CA GLY D 145 -32.57 1.26 -17.38
C GLY D 145 -32.49 2.12 -16.14
N ALA D 146 -31.27 2.27 -15.65
CA ALA D 146 -30.98 3.12 -14.51
C ALA D 146 -30.21 4.30 -15.03
N THR D 147 -30.18 5.36 -14.24
CA THR D 147 -29.37 6.54 -14.56
C THR D 147 -28.52 6.91 -13.36
N CYS D 148 -27.25 7.16 -13.61
CA CYS D 148 -26.40 7.73 -12.57
C CYS D 148 -25.49 8.82 -13.08
N ALA D 149 -25.00 9.62 -12.15
CA ALA D 149 -24.24 10.81 -12.52
C ALA D 149 -23.18 11.08 -11.47
N VAL D 150 -22.03 11.55 -11.93
CA VAL D 150 -20.98 11.95 -11.02
C VAL D 150 -20.27 13.16 -11.61
N LYS D 151 -20.12 14.19 -10.78
CA LYS D 151 -19.45 15.42 -11.15
C LYS D 151 -17.95 15.32 -10.92
N PHE D 152 -17.20 15.78 -11.90
CA PHE D 152 -15.75 15.93 -11.83
C PHE D 152 -15.36 17.40 -11.87
N GLY D 153 -14.45 17.80 -10.99
CA GLY D 153 -13.81 19.09 -11.11
C GLY D 153 -12.67 19.24 -10.14
N SER D 154 -12.14 20.46 -10.07
CA SER D 154 -11.06 20.75 -9.13
C SER D 154 -11.61 20.68 -7.70
N TRP D 155 -10.81 20.15 -6.80
CA TRP D 155 -11.18 20.10 -5.39
C TRP D 155 -10.97 21.48 -4.75
N VAL D 156 -9.91 22.20 -5.12
CA VAL D 156 -9.54 23.44 -4.43
C VAL D 156 -9.45 24.73 -5.28
N TYR D 157 -9.58 24.62 -6.59
CA TYR D 157 -9.48 25.80 -7.47
C TYR D 157 -10.84 26.20 -8.05
N SER D 158 -11.09 27.49 -8.20
CA SER D 158 -12.29 27.95 -8.92
C SER D 158 -11.95 28.12 -10.37
N GLY D 159 -12.96 28.53 -11.15
CA GLY D 159 -12.82 28.79 -12.57
C GLY D 159 -11.87 29.94 -12.87
N PHE D 160 -11.59 30.76 -11.88
CA PHE D 160 -10.60 31.82 -12.07
C PHE D 160 -9.16 31.30 -12.03
N GLU D 161 -8.94 30.06 -11.57
CA GLU D 161 -7.59 29.46 -11.59
C GLU D 161 -7.51 28.29 -12.57
N ILE D 162 -8.54 27.46 -12.54
CA ILE D 162 -8.65 26.34 -13.44
C ILE D 162 -10.00 26.40 -14.08
N ASP D 163 -10.03 26.66 -15.37
CA ASP D 163 -11.26 26.54 -16.13
C ASP D 163 -11.27 25.17 -16.75
N LEU D 164 -12.45 24.60 -16.96
CA LEU D 164 -12.59 23.33 -17.64
C LEU D 164 -13.15 23.46 -19.03
N LYS D 165 -12.67 22.61 -19.93
CA LYS D 165 -13.20 22.54 -21.27
C LYS D 165 -13.39 21.09 -21.64
N THR D 166 -14.23 20.86 -22.64
CA THR D 166 -14.37 19.53 -23.23
C THR D 166 -14.25 19.66 -24.74
N ASP D 167 -13.83 18.60 -25.41
CA ASP D 167 -13.77 18.59 -26.86
C ASP D 167 -15.13 18.13 -27.40
N THR D 168 -15.87 17.42 -26.57
CA THR D 168 -17.19 16.93 -26.92
C THR D 168 -18.04 16.70 -25.67
N ASP D 169 -19.36 16.66 -25.84
CA ASP D 169 -20.25 16.39 -24.71
C ASP D 169 -20.75 14.95 -24.73
N GLN D 170 -20.28 14.16 -25.70
CA GLN D 170 -20.58 12.73 -25.78
C GLN D 170 -19.39 11.90 -25.24
N VAL D 171 -19.66 11.06 -24.27
CA VAL D 171 -18.62 10.12 -23.78
C VAL D 171 -18.22 9.19 -24.91
N ASP D 172 -16.92 8.96 -25.07
CA ASP D 172 -16.41 7.98 -26.05
C ASP D 172 -16.74 6.54 -25.63
N LEU D 173 -17.61 5.90 -26.39
CA LEU D 173 -18.06 4.53 -26.08
C LEU D 173 -17.43 3.52 -27.05
N SER D 174 -16.47 3.98 -27.84
CA SER D 174 -15.85 3.15 -28.85
C SER D 174 -15.01 1.99 -28.28
N SER D 175 -14.57 2.11 -27.02
CA SER D 175 -13.87 1.03 -26.32
C SER D 175 -14.73 0.32 -25.28
N TYR D 176 -16.03 0.56 -25.27
CA TYR D 176 -16.89 -0.06 -24.25
C TYR D 176 -17.01 -1.56 -24.47
N TYR D 177 -16.81 -2.31 -23.39
CA TYR D 177 -16.74 -3.75 -23.47
C TYR D 177 -18.07 -4.35 -23.91
N ALA D 178 -18.05 -5.07 -25.02
CA ALA D 178 -19.27 -5.50 -25.70
C ALA D 178 -20.03 -6.56 -24.95
N SER D 179 -19.32 -7.33 -24.13
CA SER D 179 -19.96 -8.33 -23.31
C SER D 179 -20.00 -7.98 -21.82
N SER D 180 -20.01 -6.69 -21.50
CA SER D 180 -20.30 -6.23 -20.15
C SER D 180 -21.62 -6.79 -19.62
N LYS D 181 -21.75 -6.90 -18.31
CA LYS D 181 -23.02 -7.25 -17.70
C LYS D 181 -24.08 -6.17 -17.98
N TYR D 182 -23.60 -4.97 -18.30
CA TYR D 182 -24.45 -3.79 -18.47
C TYR D 182 -24.23 -3.22 -19.85
N GLU D 183 -25.32 -2.93 -20.57
CA GLU D 183 -25.20 -2.20 -21.82
C GLU D 183 -25.52 -0.71 -21.62
N ILE D 184 -24.84 0.14 -22.39
CA ILE D 184 -24.99 1.59 -22.28
C ILE D 184 -26.07 2.13 -23.19
N LEU D 185 -27.03 2.84 -22.61
CA LEU D 185 -28.11 3.45 -23.39
C LEU D 185 -27.68 4.85 -23.84
N SER D 186 -27.00 5.57 -22.96
CA SER D 186 -26.37 6.83 -23.31
C SER D 186 -25.35 7.24 -22.28
N ALA D 187 -24.41 8.07 -22.70
CA ALA D 187 -23.35 8.52 -21.81
C ALA D 187 -22.89 9.90 -22.23
N THR D 188 -23.08 10.88 -21.36
CA THR D 188 -22.70 12.24 -21.69
C THR D 188 -21.77 12.82 -20.66
N GLN D 189 -21.05 13.85 -21.11
CA GLN D 189 -20.12 14.58 -20.30
C GLN D 189 -20.28 16.10 -20.49
N TYR D 190 -21.46 16.63 -20.16
CA TYR D 190 -21.68 18.08 -20.29
C TYR D 190 -20.92 18.86 -19.24
N LYS D 191 -20.44 20.01 -19.69
CA LYS D 191 -19.70 20.90 -18.84
C LYS D 191 -20.67 21.95 -18.30
N HIS D 192 -20.54 22.26 -17.02
CA HIS D 192 -21.37 23.29 -16.37
C HIS D 192 -20.50 24.35 -15.71
N ASP D 193 -20.93 25.62 -15.77
CA ASP D 193 -20.29 26.70 -15.00
C ASP D 193 -21.26 27.25 -13.99
N ILE D 194 -21.03 27.01 -12.71
CA ILE D 194 -21.96 27.42 -11.66
C ILE D 194 -21.46 28.66 -10.93
N LYS D 195 -22.34 29.66 -10.82
CA LYS D 195 -22.06 30.82 -10.01
C LYS D 195 -23.00 30.72 -8.80
N TYR D 196 -22.41 30.66 -7.60
CA TYR D 196 -23.19 30.63 -6.38
C TYR D 196 -23.53 32.04 -5.95
N ASN D 197 -24.69 32.23 -5.35
CA ASN D 197 -25.12 33.57 -5.01
C ASN D 197 -24.15 34.29 -4.08
N CYS D 198 -23.46 33.52 -3.25
CA CYS D 198 -22.56 34.07 -2.22
C CYS D 198 -21.35 34.79 -2.77
N CYS D 199 -20.85 34.36 -3.93
CA CYS D 199 -19.47 34.62 -4.32
C CYS D 199 -19.28 34.99 -5.78
N GLU D 200 -18.21 35.73 -6.07
CA GLU D 200 -17.89 36.15 -7.43
C GLU D 200 -17.40 34.99 -8.31
N GLU D 201 -16.70 34.02 -7.71
CA GLU D 201 -16.05 32.97 -8.51
C GLU D 201 -17.05 32.03 -9.19
N ILE D 202 -16.69 31.62 -10.39
CA ILE D 202 -17.42 30.63 -11.14
C ILE D 202 -16.77 29.25 -10.90
N TYR D 203 -17.59 28.21 -10.76
CA TYR D 203 -17.11 26.84 -10.46
C TYR D 203 -17.49 25.86 -11.57
N PRO D 204 -16.53 25.51 -12.42
CA PRO D 204 -16.83 24.60 -13.51
C PRO D 204 -16.82 23.12 -13.06
N ASP D 205 -17.62 22.30 -13.71
CA ASP D 205 -17.54 20.85 -13.56
C ASP D 205 -17.87 20.22 -14.90
N VAL D 206 -17.47 18.97 -15.03
CA VAL D 206 -17.93 18.11 -16.09
C VAL D 206 -18.66 16.97 -15.43
N VAL D 207 -19.90 16.74 -15.85
CA VAL D 207 -20.74 15.73 -15.22
C VAL D 207 -20.88 14.58 -16.15
N LEU D 208 -20.46 13.42 -15.64
CA LEU D 208 -20.61 12.18 -16.34
C LEU D 208 -21.98 11.64 -15.99
N VAL D 209 -22.86 11.55 -16.99
CA VAL D 209 -24.20 10.96 -16.84
C VAL D 209 -24.35 9.71 -17.70
N VAL D 210 -24.64 8.58 -17.06
CA VAL D 210 -24.72 7.32 -17.78
C VAL D 210 -26.05 6.64 -17.52
N LYS D 211 -26.70 6.26 -18.61
CA LYS D 211 -27.94 5.48 -18.57
C LYS D 211 -27.58 4.10 -19.07
N PHE D 212 -27.97 3.10 -18.28
CA PHE D 212 -27.54 1.72 -18.52
C PHE D 212 -28.54 0.70 -18.02
N ARG D 213 -28.47 -0.51 -18.57
CA ARG D 213 -29.35 -1.58 -18.15
C ARG D 213 -28.66 -2.93 -18.30
N GLU D 214 -29.15 -3.93 -17.59
CA GLU D 214 -28.58 -5.28 -17.68
C GLU D 214 -28.72 -5.71 -19.14
N ARG D 215 -27.63 -6.27 -19.69
CA ARG D 215 -27.62 -6.71 -21.08
C ARG D 215 -28.46 -7.98 -21.19
N ARG D 216 -29.29 -8.06 -22.23
CA ARG D 216 -30.21 -9.18 -22.42
C ARG D 216 -29.85 -10.00 -23.66
N TYR E 1 43.20 -18.72 0.59
CA TYR E 1 43.22 -17.27 0.47
C TYR E 1 42.99 -16.85 -0.98
N LYS E 2 43.64 -17.58 -1.90
CA LYS E 2 43.50 -17.28 -3.32
C LYS E 2 42.04 -17.34 -3.73
N ASP E 3 41.35 -18.39 -3.30
CA ASP E 3 39.93 -18.58 -3.61
C ASP E 3 39.11 -17.44 -3.04
N ASP E 4 39.40 -17.05 -1.80
CA ASP E 4 38.70 -15.93 -1.19
C ASP E 4 39.03 -14.62 -1.91
N ASP E 5 40.28 -14.47 -2.36
CA ASP E 5 40.68 -13.26 -3.10
C ASP E 5 39.91 -13.20 -4.42
N ASP E 6 39.87 -14.33 -5.14
CA ASP E 6 39.17 -14.42 -6.41
C ASP E 6 37.69 -14.05 -6.27
N LYS E 7 37.09 -14.34 -5.12
CA LYS E 7 35.71 -13.94 -4.89
C LYS E 7 35.66 -12.44 -4.67
N LEU E 8 36.63 -11.92 -3.95
CA LEU E 8 36.68 -10.48 -3.71
C LEU E 8 36.78 -9.74 -5.04
N HIS E 9 37.58 -10.27 -5.96
CA HIS E 9 37.83 -9.58 -7.22
C HIS E 9 36.60 -9.61 -8.13
N SER E 10 35.87 -10.72 -8.16
CA SER E 10 34.66 -10.80 -8.99
C SER E 10 33.58 -9.89 -8.43
N GLN E 11 33.46 -9.80 -7.11
CA GLN E 11 32.56 -8.81 -6.50
C GLN E 11 32.92 -7.38 -6.88
N ALA E 12 34.22 -7.06 -6.81
CA ALA E 12 34.69 -5.72 -7.13
C ALA E 12 34.39 -5.37 -8.59
N ASN E 13 34.64 -6.33 -9.46
CA ASN E 13 34.39 -6.15 -10.88
C ASN E 13 32.92 -5.95 -11.19
N LEU E 14 32.04 -6.67 -10.48
CA LEU E 14 30.60 -6.50 -10.71
C LEU E 14 30.14 -5.16 -10.13
N MET E 15 30.58 -4.83 -8.92
CA MET E 15 30.24 -3.54 -8.33
C MET E 15 30.70 -2.38 -9.24
N ARG E 16 31.85 -2.59 -9.88
CA ARG E 16 32.42 -1.55 -10.74
C ARG E 16 31.65 -1.44 -12.05
N LEU E 17 31.25 -2.58 -12.59
CA LEU E 17 30.43 -2.62 -13.79
C LEU E 17 29.11 -1.89 -13.53
N LYS E 18 28.48 -2.17 -12.40
CA LYS E 18 27.19 -1.55 -12.13
C LYS E 18 27.33 -0.04 -11.93
N SER E 19 28.41 0.39 -11.26
CA SER E 19 28.71 1.81 -11.12
C SER E 19 28.93 2.48 -12.46
N ASP E 20 29.78 1.89 -13.30
CA ASP E 20 30.01 2.43 -14.64
C ASP E 20 28.72 2.57 -15.45
N LEU E 21 27.80 1.61 -15.33
CA LEU E 21 26.57 1.66 -16.11
C LEU E 21 25.51 2.59 -15.49
N PHE E 22 25.39 2.57 -14.18
CA PHE E 22 24.29 3.24 -13.52
C PHE E 22 24.70 4.61 -12.98
N ASN E 23 25.83 4.69 -12.29
CA ASN E 23 26.25 5.91 -11.62
C ASN E 23 26.92 6.93 -12.54
N ARG E 24 27.12 6.56 -13.80
CA ARG E 24 27.63 7.48 -14.82
C ARG E 24 26.70 7.53 -16.03
N TYR E 28 18.83 6.32 -18.96
CA TYR E 28 18.18 6.25 -20.27
C TYR E 28 16.79 6.91 -20.21
N PRO E 29 16.49 7.83 -21.15
CA PRO E 29 15.23 8.60 -21.03
C PRO E 29 14.05 7.94 -21.72
N GLY E 30 14.23 6.73 -22.24
CA GLY E 30 13.18 6.05 -22.97
C GLY E 30 13.35 6.24 -24.45
N PRO E 31 12.61 5.46 -25.22
CA PRO E 31 12.71 5.53 -26.68
C PRO E 31 12.05 6.79 -27.28
N THR E 32 12.39 7.06 -28.53
CA THR E 32 11.83 8.19 -29.27
C THR E 32 11.75 7.81 -30.73
N LYS E 33 11.08 8.62 -31.54
CA LYS E 33 10.93 8.33 -32.96
C LYS E 33 12.31 8.25 -33.59
N ASP E 34 13.25 9.04 -33.06
CA ASP E 34 14.62 9.05 -33.57
C ASP E 34 15.47 7.90 -33.01
N ASP E 35 15.07 7.37 -31.85
CA ASP E 35 15.81 6.28 -31.19
C ASP E 35 14.82 5.20 -30.73
N PRO E 36 14.17 4.52 -31.69
CA PRO E 36 13.12 3.58 -31.28
C PRO E 36 13.67 2.28 -30.71
N LEU E 37 12.77 1.55 -30.07
CA LEU E 37 13.14 0.38 -29.30
C LEU E 37 12.24 -0.77 -29.66
N THR E 38 12.80 -1.95 -29.92
CA THR E 38 11.99 -3.14 -30.06
C THR E 38 11.79 -3.80 -28.68
N VAL E 39 10.55 -4.15 -28.36
CA VAL E 39 10.25 -4.88 -27.11
C VAL E 39 9.56 -6.16 -27.52
N THR E 40 10.13 -7.29 -27.15
CA THR E 40 9.51 -8.57 -27.45
C THR E 40 8.78 -9.11 -26.23
N LEU E 41 7.53 -9.53 -26.43
CA LEU E 41 6.68 -10.03 -25.34
C LEU E 41 6.31 -11.46 -25.56
N GLY E 42 6.19 -12.23 -24.47
CA GLY E 42 5.58 -13.52 -24.56
C GLY E 42 4.95 -13.87 -23.22
N PHE E 43 3.88 -14.63 -23.28
CA PHE E 43 3.16 -15.02 -22.08
C PHE E 43 3.27 -16.52 -21.82
N THR E 44 3.37 -16.83 -20.53
CA THR E 44 3.23 -18.16 -20.00
C THR E 44 2.06 -18.14 -19.04
N LEU E 45 1.01 -18.87 -19.36
CA LEU E 45 -0.23 -18.86 -18.58
C LEU E 45 -0.15 -19.96 -17.49
N GLN E 46 -0.22 -19.56 -16.23
CA GLN E 46 -0.07 -20.51 -15.13
C GLN E 46 -1.41 -20.96 -14.56
N ASP E 47 -2.40 -20.06 -14.51
CA ASP E 47 -3.70 -20.42 -13.92
C ASP E 47 -4.80 -19.44 -14.28
N ILE E 48 -5.98 -19.99 -14.55
CA ILE E 48 -7.21 -19.18 -14.50
C ILE E 48 -7.77 -19.46 -13.13
N VAL E 49 -7.75 -18.45 -12.28
CA VAL E 49 -8.07 -18.66 -10.88
C VAL E 49 -9.54 -18.59 -10.65
N LYS E 50 -10.19 -17.62 -11.27
CA LYS E 50 -11.56 -17.25 -10.92
C LYS E 50 -12.28 -16.68 -12.13
N ALA E 51 -13.53 -17.08 -12.33
CA ALA E 51 -14.39 -16.50 -13.36
C ALA E 51 -15.69 -16.06 -12.69
N ASP E 52 -15.94 -14.76 -12.71
CA ASP E 52 -17.04 -14.17 -11.95
C ASP E 52 -18.14 -13.77 -12.91
N SER E 53 -19.19 -14.57 -13.03
CA SER E 53 -20.30 -14.28 -13.94
C SER E 53 -21.20 -13.14 -13.43
N SER E 54 -21.02 -12.71 -12.19
CA SER E 54 -21.84 -11.62 -11.67
C SER E 54 -21.33 -10.25 -12.12
N THR E 55 -20.06 -10.18 -12.53
CA THR E 55 -19.45 -8.91 -12.96
C THR E 55 -18.72 -9.00 -14.32
N ASN E 56 -18.65 -10.21 -14.85
CA ASN E 56 -17.90 -10.50 -16.06
C ASN E 56 -16.44 -10.01 -15.94
N GLU E 57 -15.82 -10.54 -14.89
CA GLU E 57 -14.40 -10.41 -14.63
C GLU E 57 -13.80 -11.79 -14.48
N VAL E 58 -12.65 -11.98 -15.10
CA VAL E 58 -11.86 -13.19 -14.94
C VAL E 58 -10.45 -12.86 -14.45
N ASP E 59 -9.92 -13.75 -13.59
CA ASP E 59 -8.63 -13.55 -12.94
C ASP E 59 -7.62 -14.59 -13.41
N LEU E 60 -6.52 -14.12 -13.97
CA LEU E 60 -5.44 -14.93 -14.52
C LEU E 60 -4.14 -14.73 -13.76
N VAL E 61 -3.36 -15.79 -13.68
CA VAL E 61 -1.98 -15.72 -13.22
C VAL E 61 -1.10 -16.15 -14.38
N TYR E 62 -0.12 -15.32 -14.71
CA TYR E 62 0.77 -15.55 -15.85
C TYR E 62 2.14 -14.91 -15.59
N TRP E 63 3.13 -15.36 -16.34
CA TRP E 63 4.43 -14.72 -16.40
C TRP E 63 4.54 -13.99 -17.73
N GLU E 64 4.97 -12.75 -17.65
CA GLU E 64 5.07 -11.89 -18.81
C GLU E 64 6.53 -11.69 -19.11
N GLN E 65 7.04 -12.35 -20.15
CA GLN E 65 8.44 -12.21 -20.52
C GLN E 65 8.63 -10.98 -21.41
N GLN E 66 9.47 -10.07 -20.98
CA GLN E 66 9.79 -8.85 -21.73
C GLN E 66 11.28 -8.80 -22.06
N ARG E 67 11.62 -8.49 -23.31
CA ARG E 67 13.04 -8.38 -23.72
C ARG E 67 13.26 -7.19 -24.60
N TRP E 68 14.34 -6.47 -24.35
CA TRP E 68 14.72 -5.33 -25.17
C TRP E 68 16.24 -5.19 -25.08
N LYS E 69 16.81 -4.29 -25.87
CA LYS E 69 18.26 -4.09 -25.94
C LYS E 69 18.62 -2.62 -26.00
N LEU E 70 19.55 -2.20 -25.14
CA LEU E 70 20.03 -0.82 -25.10
C LEU E 70 21.54 -0.73 -25.31
N ASN E 71 21.94 0.18 -26.19
CA ASN E 71 23.35 0.45 -26.43
C ASN E 71 24.03 0.91 -25.16
N SER E 72 23.31 1.68 -24.35
CA SER E 72 23.84 2.20 -23.09
C SER E 72 24.04 1.14 -22.00
N LEU E 73 23.61 -0.09 -22.25
CA LEU E 73 23.78 -1.16 -21.27
C LEU E 73 24.85 -2.18 -21.72
N MET E 74 25.53 -1.90 -22.83
CA MET E 74 26.59 -2.77 -23.35
C MET E 74 27.87 -2.62 -22.56
N TRP E 75 28.66 -3.70 -22.51
CA TRP E 75 30.05 -3.60 -22.05
C TRP E 75 30.91 -4.70 -22.65
N ASP E 76 32.21 -4.50 -22.49
CA ASP E 76 33.22 -5.45 -22.92
C ASP E 76 33.55 -6.36 -21.73
N PRO E 77 33.18 -7.64 -21.83
CA PRO E 77 33.43 -8.53 -20.69
C PRO E 77 34.91 -8.60 -20.30
N ASN E 78 35.83 -8.51 -21.27
CA ASN E 78 37.26 -8.50 -20.96
C ASN E 78 37.69 -7.33 -20.08
N GLU E 79 36.87 -6.28 -20.05
CA GLU E 79 37.17 -5.12 -19.21
C GLU E 79 36.63 -5.26 -17.78
N TYR E 80 35.90 -6.34 -17.51
CA TYR E 80 35.28 -6.53 -16.20
C TYR E 80 35.33 -7.97 -15.71
N GLY E 81 36.52 -8.56 -15.74
CA GLY E 81 36.72 -9.91 -15.22
C GLY E 81 35.88 -10.95 -15.94
N ASN E 82 35.59 -10.71 -17.22
CA ASN E 82 34.82 -11.64 -18.05
C ASN E 82 33.36 -11.82 -17.60
N ILE E 83 32.83 -10.88 -16.83
CA ILE E 83 31.38 -10.84 -16.53
C ILE E 83 30.60 -10.68 -17.83
N THR E 84 29.66 -11.60 -18.07
CA THR E 84 28.88 -11.59 -19.31
C THR E 84 27.40 -11.22 -19.10
N ASP E 85 26.94 -11.24 -17.86
CA ASP E 85 25.57 -10.84 -17.53
C ASP E 85 25.46 -10.60 -16.04
N PHE E 86 24.44 -9.89 -15.59
CA PHE E 86 24.26 -9.72 -14.15
C PHE E 86 22.80 -9.51 -13.86
N ARG E 87 22.40 -9.75 -12.61
CA ARG E 87 21.04 -9.51 -12.15
C ARG E 87 20.97 -8.20 -11.43
N THR E 88 19.89 -7.45 -11.62
CA THR E 88 19.75 -6.20 -10.92
C THR E 88 18.28 -5.86 -10.70
N SER E 89 18.00 -5.12 -9.65
CA SER E 89 16.65 -4.65 -9.40
C SER E 89 16.07 -3.96 -10.63
N ALA E 90 14.84 -4.27 -11.04
CA ALA E 90 14.26 -3.58 -12.18
C ALA E 90 14.08 -2.09 -11.92
N ALA E 91 14.15 -1.65 -10.66
CA ALA E 91 14.13 -0.22 -10.35
C ALA E 91 15.41 0.50 -10.82
N ASP E 92 16.49 -0.24 -11.05
CA ASP E 92 17.78 0.34 -11.44
C ASP E 92 17.88 0.71 -12.91
N ILE E 93 16.92 0.24 -13.71
CA ILE E 93 16.96 0.43 -15.14
C ILE E 93 15.63 0.93 -15.64
N TRP E 94 15.64 1.47 -16.85
CA TRP E 94 14.40 1.79 -17.53
C TRP E 94 13.66 0.50 -17.84
N THR E 95 12.35 0.52 -17.74
CA THR E 95 11.54 -0.61 -18.18
C THR E 95 10.33 -0.09 -18.95
N PRO E 96 9.86 -0.87 -19.93
CA PRO E 96 8.73 -0.43 -20.77
C PRO E 96 7.41 -0.43 -20.00
N ASP E 97 6.51 0.45 -20.42
CA ASP E 97 5.24 0.67 -19.73
C ASP E 97 4.14 -0.25 -20.28
N ILE E 98 4.45 -1.54 -20.37
CA ILE E 98 3.53 -2.55 -20.91
C ILE E 98 2.37 -2.74 -19.94
N THR E 99 1.16 -2.61 -20.48
CA THR E 99 -0.06 -2.53 -19.69
C THR E 99 -1.14 -3.40 -20.28
N ALA E 100 -1.92 -4.06 -19.43
CA ALA E 100 -3.18 -4.67 -19.89
C ALA E 100 -4.21 -3.56 -20.16
N TYR E 101 -4.85 -3.58 -21.33
CA TYR E 101 -5.72 -2.46 -21.72
C TYR E 101 -7.14 -2.56 -21.14
N SER E 102 -7.49 -3.74 -20.61
CA SER E 102 -8.84 -3.96 -20.07
C SER E 102 -8.85 -4.61 -18.68
N SER E 103 -7.83 -4.31 -17.88
CA SER E 103 -7.84 -4.68 -16.48
C SER E 103 -9.00 -3.99 -15.78
N THR E 104 -9.53 -4.61 -14.74
CA THR E 104 -10.57 -4.00 -13.92
C THR E 104 -10.11 -3.73 -12.50
N ARG E 105 -8.90 -4.17 -12.16
CA ARG E 105 -8.23 -3.87 -10.88
C ARG E 105 -6.73 -3.66 -11.16
N PRO E 106 -6.01 -2.92 -10.30
CA PRO E 106 -4.58 -2.80 -10.52
C PRO E 106 -3.92 -4.18 -10.57
N VAL E 107 -3.04 -4.36 -11.53
CA VAL E 107 -2.35 -5.66 -11.63
C VAL E 107 -1.53 -5.87 -10.36
N GLN E 108 -1.49 -7.11 -9.89
CA GLN E 108 -0.75 -7.46 -8.69
C GLN E 108 0.51 -8.24 -9.07
N VAL E 109 1.66 -7.82 -8.57
CA VAL E 109 2.94 -8.46 -8.93
C VAL E 109 3.22 -9.55 -7.89
N LEU E 110 3.52 -10.74 -8.36
CA LEU E 110 3.70 -11.91 -7.50
C LEU E 110 5.15 -12.36 -7.31
N SER E 111 6.05 -11.76 -8.07
CA SER E 111 7.46 -12.17 -8.07
C SER E 111 8.34 -10.96 -7.73
N PRO E 112 9.59 -11.22 -7.35
CA PRO E 112 10.60 -10.16 -7.27
C PRO E 112 10.76 -9.47 -8.62
N GLN E 113 11.06 -8.19 -8.61
CA GLN E 113 11.21 -7.46 -9.88
C GLN E 113 12.69 -7.19 -10.09
N ILE E 114 13.28 -8.13 -10.80
CA ILE E 114 14.71 -8.22 -11.01
C ILE E 114 14.88 -8.54 -12.47
N ALA E 115 15.77 -7.81 -13.13
CA ALA E 115 16.06 -8.02 -14.52
C ALA E 115 17.44 -8.71 -14.67
N VAL E 116 17.62 -9.41 -15.78
CA VAL E 116 18.92 -9.92 -16.20
C VAL E 116 19.42 -9.08 -17.37
N VAL E 117 20.61 -8.51 -17.17
CA VAL E 117 21.24 -7.67 -18.18
C VAL E 117 22.46 -8.38 -18.74
N THR E 118 22.56 -8.44 -20.07
CA THR E 118 23.63 -9.19 -20.74
C THR E 118 24.56 -8.21 -21.46
N HIS E 119 25.83 -8.61 -21.64
CA HIS E 119 26.86 -7.66 -22.06
C HIS E 119 26.60 -7.05 -23.44
N ASP E 120 25.77 -7.70 -24.26
CA ASP E 120 25.33 -7.13 -25.53
C ASP E 120 24.23 -6.07 -25.36
N GLY E 121 23.91 -5.72 -24.12
CA GLY E 121 22.94 -4.67 -23.87
C GLY E 121 21.49 -5.14 -23.78
N SER E 122 21.26 -6.43 -23.96
CA SER E 122 19.91 -6.96 -23.88
C SER E 122 19.48 -7.16 -22.41
N VAL E 123 18.18 -6.97 -22.20
CA VAL E 123 17.58 -7.03 -20.88
C VAL E 123 16.45 -8.04 -20.96
N MET E 124 16.33 -8.88 -19.95
CA MET E 124 15.21 -9.79 -19.85
C MET E 124 14.57 -9.63 -18.49
N PHE E 125 13.27 -9.41 -18.50
CA PHE E 125 12.52 -9.09 -17.28
C PHE E 125 11.25 -9.91 -17.34
N ILE E 126 10.98 -10.69 -16.28
CA ILE E 126 9.88 -11.65 -16.36
C ILE E 126 9.07 -11.65 -15.05
N PRO E 127 8.20 -10.66 -14.90
CA PRO E 127 7.35 -10.62 -13.71
C PRO E 127 6.17 -11.58 -13.77
N ALA E 128 5.86 -12.23 -12.66
CA ALA E 128 4.60 -12.97 -12.48
C ALA E 128 3.54 -11.99 -11.99
N GLN E 129 2.33 -12.12 -12.51
CA GLN E 129 1.27 -11.15 -12.25
C GLN E 129 -0.06 -11.89 -12.07
N ARG E 130 -0.92 -11.30 -11.23
CA ARG E 130 -2.33 -11.66 -11.17
C ARG E 130 -3.15 -10.48 -11.70
N LEU E 131 -3.95 -10.77 -12.71
CA LEU E 131 -4.74 -9.79 -13.46
C LEU E 131 -6.22 -10.12 -13.42
N SER E 132 -7.07 -9.17 -13.03
CA SER E 132 -8.51 -9.24 -13.28
C SER E 132 -8.82 -8.38 -14.52
N PHE E 133 -9.52 -8.96 -15.48
CA PHE E 133 -9.80 -8.27 -16.72
C PHE E 133 -11.21 -8.59 -17.19
N MET E 134 -11.68 -7.79 -18.13
CA MET E 134 -13.05 -7.87 -18.63
C MET E 134 -13.26 -9.10 -19.45
N CYS E 135 -14.20 -9.93 -19.02
CA CYS E 135 -14.41 -11.24 -19.62
C CYS E 135 -15.75 -11.83 -19.22
N ASP E 136 -16.58 -12.10 -20.20
CA ASP E 136 -17.83 -12.81 -19.99
C ASP E 136 -17.58 -14.31 -20.01
N PRO E 137 -17.77 -15.01 -18.86
CA PRO E 137 -17.48 -16.44 -18.87
C PRO E 137 -18.66 -17.31 -19.32
N THR E 138 -19.68 -16.72 -19.94
CA THR E 138 -20.83 -17.52 -20.36
C THR E 138 -20.35 -18.66 -21.24
N GLY E 139 -20.84 -19.87 -20.95
CA GLY E 139 -20.46 -21.02 -21.72
C GLY E 139 -19.29 -21.80 -21.14
N VAL E 140 -18.68 -21.30 -20.06
CA VAL E 140 -17.54 -22.00 -19.43
C VAL E 140 -17.99 -23.38 -18.94
N ASP E 141 -19.27 -23.52 -18.61
CA ASP E 141 -19.85 -24.79 -18.16
C ASP E 141 -20.33 -25.68 -19.31
N SER E 142 -19.68 -25.59 -20.46
CA SER E 142 -20.06 -26.37 -21.64
C SER E 142 -18.83 -26.91 -22.36
N GLU E 143 -19.04 -27.83 -23.30
CA GLU E 143 -17.94 -28.49 -23.97
C GLU E 143 -17.17 -27.50 -24.85
N GLU E 144 -17.87 -26.49 -25.36
CA GLU E 144 -17.26 -25.48 -26.22
C GLU E 144 -16.48 -24.43 -25.43
N GLY E 145 -16.92 -24.17 -24.20
CA GLY E 145 -16.19 -23.28 -23.29
C GLY E 145 -16.49 -21.81 -23.54
N ALA E 146 -15.75 -20.96 -22.86
CA ALA E 146 -15.83 -19.52 -23.05
C ALA E 146 -14.57 -19.05 -23.73
N THR E 147 -14.67 -17.85 -24.30
CA THR E 147 -13.55 -17.23 -24.96
C THR E 147 -13.42 -15.77 -24.51
N CYS E 148 -12.22 -15.42 -24.04
CA CYS E 148 -11.91 -14.04 -23.70
C CYS E 148 -10.57 -13.57 -24.26
N ALA E 149 -10.40 -12.25 -24.30
CA ALA E 149 -9.23 -11.63 -24.88
C ALA E 149 -8.83 -10.43 -24.05
N VAL E 150 -7.52 -10.16 -23.99
CA VAL E 150 -7.04 -8.93 -23.36
C VAL E 150 -5.79 -8.46 -24.10
N LYS E 151 -5.78 -7.17 -24.43
CA LYS E 151 -4.66 -6.58 -25.12
C LYS E 151 -3.60 -6.07 -24.15
N PHE E 152 -2.34 -6.30 -24.51
CA PHE E 152 -1.20 -5.74 -23.84
C PHE E 152 -0.40 -4.87 -24.78
N GLY E 153 0.06 -3.73 -24.29
CA GLY E 153 0.90 -2.85 -25.06
C GLY E 153 1.33 -1.68 -24.22
N SER E 154 2.15 -0.84 -24.82
CA SER E 154 2.58 0.38 -24.19
C SER E 154 1.36 1.27 -23.95
N TRP E 155 1.36 1.97 -22.82
CA TRP E 155 0.32 2.94 -22.54
C TRP E 155 0.56 4.21 -23.37
N VAL E 156 1.81 4.67 -23.45
CA VAL E 156 2.07 6.00 -23.98
C VAL E 156 2.97 6.05 -25.21
N TYR E 157 3.61 4.94 -25.59
CA TYR E 157 4.50 4.95 -26.75
C TYR E 157 3.85 4.34 -27.95
N SER E 158 3.90 5.06 -29.07
CA SER E 158 3.34 4.55 -30.30
C SER E 158 4.28 3.55 -30.96
N GLY E 159 3.82 2.96 -32.06
CA GLY E 159 4.60 2.02 -32.82
C GLY E 159 5.87 2.61 -33.38
N PHE E 160 5.93 3.93 -33.48
CA PHE E 160 7.14 4.59 -33.97
C PHE E 160 8.20 4.71 -32.88
N GLU E 161 7.83 4.44 -31.62
CA GLU E 161 8.74 4.57 -30.49
C GLU E 161 9.09 3.21 -29.89
N ILE E 162 8.06 2.40 -29.65
CA ILE E 162 8.25 1.03 -29.24
C ILE E 162 7.58 0.13 -30.25
N ASP E 163 8.40 -0.70 -30.87
CA ASP E 163 8.00 -1.71 -31.83
C ASP E 163 7.80 -3.03 -31.06
N LEU E 164 6.56 -3.49 -30.96
CA LEU E 164 6.21 -4.62 -30.10
C LEU E 164 6.15 -5.93 -30.87
N LYS E 165 7.04 -6.84 -30.54
CA LYS E 165 7.18 -8.12 -31.23
C LYS E 165 6.89 -9.30 -30.32
N THR E 166 6.71 -10.47 -30.94
CA THR E 166 6.62 -11.74 -30.25
C THR E 166 7.57 -12.72 -30.91
N ASP E 167 7.84 -13.79 -30.19
CA ASP E 167 8.67 -14.90 -30.68
C ASP E 167 7.81 -16.03 -31.23
N THR E 168 6.53 -16.00 -30.87
CA THR E 168 5.64 -17.07 -31.21
C THR E 168 4.22 -16.58 -31.06
N ASP E 169 3.32 -17.19 -31.81
CA ASP E 169 1.90 -16.86 -31.75
C ASP E 169 1.24 -17.69 -30.65
N GLN E 170 2.00 -18.61 -30.05
CA GLN E 170 1.44 -19.53 -29.07
C GLN E 170 1.79 -19.14 -27.66
N VAL E 171 0.78 -19.04 -26.81
CA VAL E 171 1.00 -18.88 -25.37
C VAL E 171 1.59 -20.18 -24.83
N ASP E 172 2.62 -20.05 -24.00
CA ASP E 172 3.24 -21.20 -23.34
C ASP E 172 2.34 -21.73 -22.22
N LEU E 173 1.86 -22.94 -22.42
CA LEU E 173 0.97 -23.62 -21.49
C LEU E 173 1.64 -24.77 -20.73
N SER E 174 2.94 -24.89 -20.87
CA SER E 174 3.64 -26.07 -20.33
C SER E 174 3.75 -26.05 -18.80
N SER E 175 3.42 -24.90 -18.21
CA SER E 175 3.42 -24.72 -16.76
C SER E 175 2.01 -24.43 -16.23
N TYR E 176 0.99 -24.71 -17.03
CA TYR E 176 -0.38 -24.42 -16.61
C TYR E 176 -0.80 -25.40 -15.51
N TYR E 177 -1.43 -24.87 -14.47
CA TYR E 177 -1.73 -25.68 -13.27
C TYR E 177 -2.71 -26.81 -13.60
N ALA E 178 -2.25 -28.02 -13.41
CA ALA E 178 -2.97 -29.21 -13.87
C ALA E 178 -4.30 -29.43 -13.13
N SER E 179 -4.42 -28.86 -11.93
CA SER E 179 -5.66 -29.00 -11.14
C SER E 179 -6.42 -27.70 -10.95
N SER E 180 -6.23 -26.77 -11.88
CA SER E 180 -7.07 -25.58 -11.97
C SER E 180 -8.56 -25.93 -12.08
N LYS E 181 -9.43 -25.04 -11.59
CA LYS E 181 -10.86 -25.17 -11.85
C LYS E 181 -11.16 -25.12 -13.36
N TYR E 182 -10.26 -24.51 -14.14
CA TYR E 182 -10.51 -24.30 -15.56
C TYR E 182 -9.43 -24.94 -16.41
N GLU E 183 -9.90 -25.61 -17.46
CA GLU E 183 -9.07 -26.25 -18.46
C GLU E 183 -8.82 -25.30 -19.63
N ILE E 184 -7.59 -25.22 -20.16
CA ILE E 184 -7.34 -24.39 -21.33
C ILE E 184 -7.53 -25.18 -22.61
N LEU E 185 -8.39 -24.67 -23.49
CA LEU E 185 -8.62 -25.28 -24.80
C LEU E 185 -7.66 -24.71 -25.83
N SER E 186 -7.41 -23.41 -25.77
CA SER E 186 -6.37 -22.80 -26.59
C SER E 186 -5.98 -21.43 -26.05
N ALA E 187 -4.76 -21.01 -26.38
CA ALA E 187 -4.25 -19.73 -25.91
C ALA E 187 -3.24 -19.20 -26.91
N THR E 188 -3.55 -18.06 -27.50
CA THR E 188 -2.71 -17.45 -28.52
C THR E 188 -2.32 -16.02 -28.14
N GLN E 189 -1.26 -15.53 -28.78
CA GLN E 189 -0.79 -14.15 -28.57
C GLN E 189 -0.44 -13.42 -29.87
N TYR E 190 -1.43 -13.20 -30.70
CA TYR E 190 -1.22 -12.45 -31.94
C TYR E 190 -1.03 -10.95 -31.75
N LYS E 191 -0.23 -10.38 -32.63
CA LYS E 191 0.04 -8.95 -32.67
C LYS E 191 -1.01 -8.18 -33.53
N HIS E 192 -1.34 -6.96 -33.11
CA HIS E 192 -2.29 -6.10 -33.83
C HIS E 192 -1.78 -4.66 -33.78
N ASP E 193 -2.23 -3.84 -34.74
CA ASP E 193 -1.92 -2.40 -34.78
C ASP E 193 -3.25 -1.66 -34.79
N ILE E 194 -3.43 -0.74 -33.86
CA ILE E 194 -4.72 -0.08 -33.65
C ILE E 194 -4.62 1.43 -33.55
N LYS E 195 -5.57 2.13 -34.18
CA LYS E 195 -5.78 3.58 -34.01
C LYS E 195 -6.85 3.88 -32.94
N TYR E 196 -6.48 4.68 -31.94
CA TYR E 196 -7.37 5.03 -30.83
C TYR E 196 -7.87 6.48 -31.05
N ASN E 197 -9.09 6.78 -30.60
CA ASN E 197 -9.65 8.13 -30.82
C ASN E 197 -8.85 9.27 -30.20
N CYS E 198 -8.07 8.99 -29.15
CA CYS E 198 -7.38 10.06 -28.44
C CYS E 198 -6.19 10.64 -29.20
N CYS E 199 -5.70 9.92 -30.19
CA CYS E 199 -4.31 10.09 -30.61
C CYS E 199 -4.11 9.80 -32.08
N GLU E 200 -3.14 10.45 -32.70
CA GLU E 200 -2.94 10.36 -34.14
C GLU E 200 -2.20 9.09 -34.55
N GLU E 201 -1.38 8.56 -33.63
CA GLU E 201 -0.45 7.47 -33.94
C GLU E 201 -1.08 6.06 -33.85
N ILE E 202 -0.48 5.12 -34.57
CA ILE E 202 -0.88 3.73 -34.50
C ILE E 202 -0.13 3.06 -33.34
N TYR E 203 -0.87 2.35 -32.49
CA TYR E 203 -0.30 1.62 -31.33
C TYR E 203 -0.39 0.09 -31.49
N PRO E 204 0.75 -0.59 -31.41
CA PRO E 204 0.73 -2.04 -31.50
C PRO E 204 0.36 -2.68 -30.15
N ASP E 205 -0.29 -3.82 -30.21
CA ASP E 205 -0.55 -4.62 -29.03
C ASP E 205 -0.22 -6.10 -29.29
N VAL E 206 -0.17 -6.88 -28.21
CA VAL E 206 -0.19 -8.33 -28.28
C VAL E 206 -1.50 -8.71 -27.59
N VAL E 207 -2.40 -9.39 -28.29
CA VAL E 207 -3.68 -9.81 -27.72
C VAL E 207 -3.63 -11.25 -27.27
N LEU E 208 -3.81 -11.45 -25.98
CA LEU E 208 -3.93 -12.77 -25.39
C LEU E 208 -5.38 -13.19 -25.57
N VAL E 209 -5.60 -14.27 -26.31
CA VAL E 209 -6.94 -14.84 -26.50
C VAL E 209 -6.99 -16.25 -25.91
N VAL E 210 -7.89 -16.46 -24.95
CA VAL E 210 -7.88 -17.72 -24.22
C VAL E 210 -9.27 -18.34 -24.28
N LYS E 211 -9.29 -19.60 -24.71
CA LYS E 211 -10.49 -20.43 -24.70
C LYS E 211 -10.37 -21.42 -23.57
N PHE E 212 -11.38 -21.48 -22.71
CA PHE E 212 -11.30 -22.25 -21.48
C PHE E 212 -12.66 -22.78 -21.06
N ARG E 213 -12.64 -23.84 -20.25
CA ARG E 213 -13.88 -24.39 -19.71
C ARG E 213 -13.67 -25.01 -18.34
N GLU E 214 -14.76 -25.21 -17.59
CA GLU E 214 -14.67 -25.83 -16.28
C GLU E 214 -14.17 -27.27 -16.38
MG MG F . 33.24 4.36 30.29
S SO4 G . -11.09 -14.00 -3.51
O1 SO4 G . -9.70 -13.74 -3.90
O2 SO4 G . -11.09 -14.72 -2.23
O3 SO4 G . -11.76 -14.82 -4.53
O4 SO4 G . -11.78 -12.73 -3.34
S SO4 H . -11.41 -13.24 4.40
O1 SO4 H . -9.99 -12.99 4.57
O2 SO4 H . -11.64 -14.70 4.23
O3 SO4 H . -11.88 -12.53 3.20
O4 SO4 H . -12.11 -12.75 5.59
O1 PG4 I . 15.71 -16.11 -15.10
C1 PG4 I . 14.84 -15.10 -15.41
C2 PG4 I . 13.60 -15.17 -14.46
O2 PG4 I . 12.75 -16.24 -14.79
C3 PG4 I . 11.46 -15.99 -14.40
C4 PG4 I . 10.64 -17.32 -14.40
O3 PG4 I . 11.42 -18.13 -13.56
C5 PG4 I . 10.82 -18.80 -12.48
C6 PG4 I . 11.92 -19.72 -11.95
O4 PG4 I . 11.79 -21.01 -12.58
C7 PG4 I . 12.98 -21.84 -12.66
C8 PG4 I . 13.98 -21.24 -13.60
O5 PG4 I . 14.31 -22.15 -14.67
HO1 PG4 I . 16.43 -16.06 -15.65
H11 PG4 I . 15.26 -14.25 -15.32
H12 PG4 I . 14.53 -15.22 -16.35
H21 PG4 I . 13.90 -15.26 -13.58
H22 PG4 I . 13.08 -14.29 -14.55
H31 PG4 I . 11.47 -15.64 -13.49
H32 PG4 I . 11.02 -15.32 -15.01
H41 PG4 I . 9.73 -17.16 -13.99
H42 PG4 I . 10.57 -17.71 -15.31
H51 PG4 I . 10.50 -18.14 -11.77
H52 PG4 I . 10.08 -19.32 -12.79
H61 PG4 I . 12.81 -19.33 -12.15
H62 PG4 I . 11.81 -19.82 -10.98
H71 PG4 I . 13.36 -21.93 -11.80
H72 PG4 I . 12.71 -22.75 -13.01
H81 PG4 I . 13.60 -20.41 -13.98
H82 PG4 I . 14.82 -21.02 -13.10
HO5 PG4 I . 14.85 -21.76 -15.22
S SO4 J . -15.56 -7.14 6.08
O1 SO4 J . -15.97 -7.95 7.24
O2 SO4 J . -14.51 -7.86 5.34
O3 SO4 J . -15.06 -5.83 6.48
O4 SO4 J . -16.71 -6.92 5.19
C17 TII K . -6.45 11.40 22.90
N16 TII K . -6.40 9.97 22.62
C18 TII K . -7.05 9.42 21.46
C19 TII K . -7.90 8.36 22.16
C20 TII K . -7.11 7.91 23.41
C15 TII K . -5.94 8.89 23.51
C1 TII K . -4.60 8.24 23.11
C14 TII K . -5.73 9.37 24.92
C13 TII K . -4.31 9.91 24.89
N2 TII K . -3.67 9.09 23.84
C3 TII K . -2.30 9.17 23.59
C12 TII K . -1.52 9.96 24.41
C7 TII K . -0.16 10.06 24.20
O8 TII K . 0.66 10.83 25.02
C9 TII K . 0.22 11.64 26.12
C11 TII K . 0.90 13.00 26.05
C10 TII K . 0.59 10.96 27.42
C6 TII K . 0.41 9.33 23.15
N5 TII K . -0.37 8.59 22.36
C4 TII K . -1.70 8.49 22.55
H173 TII K . -5.99 11.59 23.84
H171 TII K . -5.93 11.92 22.15
H172 TII K . -7.46 11.72 22.93
H181 TII K . -6.34 8.98 20.76
H182 TII K . -7.67 10.17 20.95
H191 TII K . -8.07 7.52 21.50
H192 TII K . -8.86 8.78 22.45
H201 TII K . -6.75 6.89 23.29
H202 TII K . -7.72 7.97 24.31
H11 TII K . -4.54 7.21 23.44
H12 TII K . -4.44 8.30 22.03
H141 TII K . -5.83 8.55 25.63
H142 TII K . -6.45 10.17 25.17
H131 TII K . -3.81 9.76 25.84
H132 TII K . -4.29 10.96 24.62
H120 TII K . -1.97 10.50 25.23
H9 TII K . -0.87 11.78 26.08
H113 TII K . 1.94 12.89 26.18
H111 TII K . 0.51 13.63 26.81
H112 TII K . 0.71 13.44 25.10
H102 TII K . 1.63 10.74 27.42
H103 TII K . 0.04 10.05 27.50
H101 TII K . 0.35 11.58 28.23
H6 TII K . 1.48 9.39 22.95
H4 TII K . -2.30 7.87 21.90
S SO4 L . -17.88 -3.61 -0.35
O1 SO4 L . -17.04 -4.46 0.51
O2 SO4 L . -18.09 -4.26 -1.65
O3 SO4 L . -17.20 -2.33 -0.56
O4 SO4 L . -19.19 -3.37 0.29
S SO4 M . -15.20 -7.93 -6.03
O1 SO4 M . -14.94 -9.30 -5.57
O2 SO4 M . -14.04 -7.46 -6.79
O3 SO4 M . -15.42 -7.05 -4.88
O4 SO4 M . -16.41 -7.88 -6.87
C17 TII N . -1.73 3.28 -26.14
N16 TII N . -2.84 3.57 -25.25
C18 TII N . -3.23 2.65 -24.24
C19 TII N . -4.71 2.54 -24.61
C20 TII N . -5.10 3.93 -25.12
C15 TII N . -3.80 4.70 -25.31
C1 TII N . -3.61 5.79 -24.25
C14 TII N . -3.70 5.42 -26.62
C13 TII N . -2.54 6.39 -26.34
N2 TII N . -2.64 6.65 -24.91
C3 TII N . -1.92 7.69 -24.29
C12 TII N . -1.24 8.60 -25.09
C7 TII N . -0.54 9.66 -24.51
O8 TII N . 0.16 10.56 -25.30
C9 TII N . 0.34 10.39 -26.72
C11 TII N . 1.68 10.91 -27.22
C10 TII N . -0.77 11.16 -27.43
C6 TII N . -0.53 9.79 -23.12
N5 TII N . -1.19 8.89 -22.34
C4 TII N . -1.88 7.89 -22.91
H173 TII N . -1.64 4.04 -26.87
H171 TII N . -0.83 3.24 -25.58
H172 TII N . -1.89 2.35 -26.61
H181 TII N . -3.08 3.06 -23.23
H182 TII N . -2.71 1.70 -24.34
H191 TII N . -5.31 2.27 -23.73
H192 TII N . -4.86 1.79 -25.38
H201 TII N . -5.74 4.44 -24.38
H202 TII N . -5.64 3.85 -26.06
H11 TII N . -4.54 6.31 -24.05
H12 TII N . -3.20 5.38 -23.32
H141 TII N . -4.63 5.96 -26.83
H142 TII N . -3.46 4.74 -27.43
H131 TII N . -2.66 7.30 -26.92
H132 TII N . -1.58 5.92 -26.58
H120 TII N . -1.25 8.50 -26.16
H9 TII N . 0.25 9.32 -26.99
H113 TII N . 2.45 10.46 -26.68
H111 TII N . 1.71 11.96 -27.09
H112 TII N . 1.78 10.68 -28.25
H102 TII N . -0.77 12.16 -27.09
H103 TII N . -1.71 10.70 -27.19
H101 TII N . -0.62 11.12 -28.47
H6 TII N . 0.02 10.60 -22.65
H4 TII N . -2.41 7.19 -22.26
MG MG O . 43.66 -9.99 -4.61
#